data_7T6V
#
_entry.id   7T6V
#
loop_
_entity.id
_entity.type
_entity.pdbx_description
1 polymer 'N-formyl peptide receptor 2'
2 polymer 'Guanine nucleotide-binding protein G(i) subunit alpha-1'
3 polymer 'Guanine nucleotide-binding protein G(I)/G(S)/G(T) subunit beta-1'
4 polymer 'Guanine nucleotide-binding protein G(I)/G(S)/G(O) subunit gamma-2'
5 polymer scFv16
6 polymer 'Synthetic peptide'
7 non-polymer 'PALMITIC ACID'
#
loop_
_entity_poly.entity_id
_entity_poly.type
_entity_poly.pdbx_seq_one_letter_code
_entity_poly.pdbx_strand_id
1 'polypeptide(L)'
;DYKDDDDVDMGQPGNGSAFLLAPNGSHAPDHDVTQQRDEENLYFQGASMETNFSTPLNEYEEVSYESAGYTVLRILPLVV
LGVTFVLGVLGNGLVIWVAGFRMTRTVTTICYLNLALADFSFTATLPFLIVSMAMGEKWPFGWFLCKLIHIVVDINLFGS
VFLIGFIALDRCICVLHPVWAQNHRTVSLAMKVIVGPWILALVLTLPVFLFLTTVTIPNGDTYCTFNFASWGGTPEERLK
VAITMLTARGIIRFVIGFSLPMSIVAICYGLIAAKIHKKGMIKSSRPLRVLTAVVASFFICWFPFQLVALLGTVWLKEML
FYGKYKIIDILVNPTSSLAFFNSCLNPMLYVFVGQDFRERLIHSLPTSLERALSEDSAPTNDTAANSASP
;
R
2 'polypeptide(L)'
;GCTLSAEDKAAVERSKMIDRNLREDGEKAAREVKLLLLGAGESGKSTIVKQMKIIHEAGYSEEECKQYKAVVYSNTIQSI
IAIIRAMGRLKIDFGDSARADDARQLFVLAGAAEEGFMTAELAGVIKRLWKDSGVQACFNRSREYQLNDSAAYYLNDLDR
IAQPNYIPTQQDVLRTRVKTTGIVETHFTFKDLHFKMFDVGAQRSERKKWIHCFEGVTAIIFCVALSDYDLVLAEDEEMN
RMHESMKLFDSICNNKWFTDTSIILFLNKKDLFEEKIKKSPLTICYPEYAGSNTYEEAAAYIQCQFEDLNKRKDTKEIYT
HFTCSTDTKNVQFVFDAVTDVIIKNNLKDCGLF
;
A
3 'polypeptide(L)'
;HHHHHHHHMGSLLQSELDQLRQEAEQLKNQIRDARKACADATLSQITNNIDPVGRIQMRTRRTLRGHLAKIYAMHWGTDS
RLLVSASQDGKLIIWDSYTTNKVHAIPLRSSWVMTCAYAPSGNYVACGGLDNICSIYNLKTREGNVRVSRELAGHTGYLS
CCRFLDDNQIVTSSGDTTCALWDIETGQQTTTFTGHTGDVMSLSLAPDTRLFVSGACDASAKLWDVREGMCRQTFTGHES
DINAICFFPNGNAFATGSDDATCRLFDLRADQELMTYSHDNIICGITSVSFSKSGRLLLAGYDDFNCNVWDALKADRAGV
LAGHDNRVSCLGVTDDGMAVATGSWDSFLKIWN
;
B
4 'polypeptide(L)' ASNNTASIAQARKLVEQLKMEANIDRIKVSKAAADLMAYCEAHAKEDPLLTPVPASENPFREKKFFC C
5 'polypeptide(L)'
;VQLVESGGGLVQPGGSRKLSCSASGFAFSSFGMHWVRQAPEKGLEWVAYISSGSGTIYYADTVKGRFTISRDDPKNTLFL
QMTSLRSEDTAMYYCVRSIYYYGSSPFDFWGQGTTLTVSSGGGGSGGGGSGGGGSSDIVMTQATSSVPVTPGESVSISCR
SSKSLLHSNGNTYLYWFLQRPGQSPQLLIYRMSNLASGVPERFSGSGSGTAFTLTISRLEAEDVGVYYCMQHLEYPLTFG
AGTKLEL
;
E
6 'polypeptide(L)' (FME)LFII L
#
loop_
_chem_comp.id
_chem_comp.type
_chem_comp.name
_chem_comp.formula
PLM non-polymer 'PALMITIC ACID' 'C16 H32 O2'
#
# COMPACT_ATOMS: atom_id res chain seq x y z
N ALA A 68 -37.93 -51.82 10.88
CA ALA A 68 -39.35 -51.44 10.71
C ALA A 68 -39.43 -49.95 10.41
N GLY A 69 -38.70 -49.48 9.41
CA GLY A 69 -38.64 -48.03 9.16
C GLY A 69 -37.44 -47.39 9.84
N TYR A 70 -36.57 -48.18 10.48
CA TYR A 70 -35.32 -47.62 11.04
C TYR A 70 -34.34 -47.47 9.91
N THR A 71 -34.69 -47.99 8.74
CA THR A 71 -33.81 -47.78 7.59
C THR A 71 -33.69 -46.28 7.39
N VAL A 72 -34.76 -45.53 7.59
CA VAL A 72 -34.64 -44.07 7.33
C VAL A 72 -33.63 -43.52 8.31
N LEU A 73 -33.55 -44.11 9.50
CA LEU A 73 -32.61 -43.59 10.53
C LEU A 73 -31.19 -43.85 10.05
N ARG A 74 -30.91 -45.00 9.45
CA ARG A 74 -29.55 -45.23 8.90
C ARG A 74 -29.30 -44.37 7.67
N ILE A 75 -30.26 -44.29 6.76
CA ILE A 75 -29.99 -43.54 5.49
C ILE A 75 -29.80 -42.05 5.76
N LEU A 76 -30.59 -41.45 6.65
CA LEU A 76 -30.52 -39.97 6.88
C LEU A 76 -29.08 -39.50 7.10
N PRO A 77 -28.30 -39.92 8.12
CA PRO A 77 -26.99 -39.37 8.28
C PRO A 77 -26.24 -39.30 6.95
N LEU A 78 -26.32 -40.33 6.13
CA LEU A 78 -25.52 -40.31 4.89
C LEU A 78 -25.98 -39.14 4.02
N VAL A 79 -27.29 -38.93 3.91
CA VAL A 79 -27.79 -37.87 3.00
C VAL A 79 -27.33 -36.51 3.53
N VAL A 80 -27.47 -36.30 4.84
CA VAL A 80 -27.13 -34.97 5.39
C VAL A 80 -25.64 -34.71 5.20
N LEU A 81 -24.81 -35.70 5.43
CA LEU A 81 -23.35 -35.51 5.31
C LEU A 81 -23.00 -35.22 3.85
N GLY A 82 -23.66 -35.87 2.91
CA GLY A 82 -23.38 -35.57 1.50
C GLY A 82 -23.76 -34.16 1.14
N VAL A 83 -24.91 -33.70 1.61
CA VAL A 83 -25.34 -32.31 1.32
C VAL A 83 -24.30 -31.40 1.95
N THR A 84 -23.80 -31.77 3.14
CA THR A 84 -22.77 -30.95 3.81
C THR A 84 -21.54 -30.95 2.93
N PHE A 85 -21.20 -32.08 2.32
CA PHE A 85 -19.94 -32.12 1.54
C PHE A 85 -20.05 -31.17 0.37
N VAL A 86 -21.15 -31.23 -0.37
CA VAL A 86 -21.22 -30.40 -1.59
C VAL A 86 -21.33 -28.94 -1.21
N LEU A 87 -22.27 -28.63 -0.32
CA LEU A 87 -22.49 -27.20 0.00
C LEU A 87 -21.27 -26.67 0.73
N GLY A 88 -20.69 -27.45 1.63
CA GLY A 88 -19.55 -26.98 2.42
C GLY A 88 -18.34 -26.72 1.55
N VAL A 89 -18.02 -27.62 0.64
CA VAL A 89 -16.78 -27.41 -0.15
C VAL A 89 -17.00 -26.19 -1.03
N LEU A 90 -18.17 -26.05 -1.62
CA LEU A 90 -18.40 -24.83 -2.42
C LEU A 90 -18.39 -23.60 -1.51
N GLY A 91 -19.07 -23.65 -0.37
CA GLY A 91 -19.16 -22.43 0.46
C GLY A 91 -17.84 -22.01 1.07
N ASN A 92 -17.16 -22.97 1.66
CA ASN A 92 -15.88 -22.65 2.32
C ASN A 92 -14.88 -22.25 1.24
N GLY A 93 -14.94 -22.90 0.09
CA GLY A 93 -13.98 -22.58 -0.98
C GLY A 93 -14.17 -21.14 -1.43
N LEU A 94 -15.41 -20.73 -1.59
CA LEU A 94 -15.67 -19.33 -1.98
C LEU A 94 -15.16 -18.44 -0.86
N VAL A 95 -15.36 -18.80 0.39
CA VAL A 95 -14.89 -17.88 1.47
C VAL A 95 -13.38 -17.78 1.41
N ILE A 96 -12.69 -18.90 1.20
CA ILE A 96 -11.20 -18.86 1.24
C ILE A 96 -10.71 -18.02 0.07
N TRP A 97 -11.30 -18.21 -1.11
CA TRP A 97 -10.85 -17.39 -2.26
C TRP A 97 -11.21 -15.93 -2.09
N VAL A 98 -12.47 -15.63 -1.79
CA VAL A 98 -12.90 -14.20 -1.73
C VAL A 98 -12.22 -13.47 -0.58
N ALA A 99 -12.05 -14.11 0.56
CA ALA A 99 -11.48 -13.36 1.68
C ALA A 99 -9.97 -13.41 1.66
N GLY A 100 -9.40 -14.59 1.56
CA GLY A 100 -7.94 -14.67 1.65
C GLY A 100 -7.23 -14.01 0.51
N PHE A 101 -7.72 -14.18 -0.71
CA PHE A 101 -6.94 -13.62 -1.83
C PHE A 101 -7.52 -12.31 -2.37
N ARG A 102 -8.78 -12.29 -2.75
CA ARG A 102 -9.29 -11.05 -3.37
C ARG A 102 -9.41 -9.86 -2.41
N MET A 103 -9.90 -10.06 -1.20
CA MET A 103 -10.11 -8.89 -0.31
C MET A 103 -8.91 -8.50 0.54
N THR A 104 -8.95 -7.30 1.11
CA THR A 104 -7.84 -6.78 1.95
C THR A 104 -7.86 -7.50 3.29
N ARG A 105 -6.76 -7.47 4.02
CA ARG A 105 -6.71 -8.24 5.27
C ARG A 105 -7.05 -7.34 6.44
N THR A 106 -8.11 -7.68 7.17
CA THR A 106 -8.50 -6.95 8.38
C THR A 106 -8.71 -8.00 9.45
N VAL A 107 -8.92 -7.61 10.70
CA VAL A 107 -9.01 -8.63 11.77
C VAL A 107 -10.16 -9.56 11.40
N THR A 108 -11.26 -9.02 10.89
CA THR A 108 -12.43 -9.86 10.59
C THR A 108 -12.08 -10.85 9.49
N THR A 109 -11.35 -10.41 8.48
CA THR A 109 -11.02 -11.30 7.35
C THR A 109 -10.14 -12.45 7.83
N ILE A 110 -9.20 -12.18 8.72
CA ILE A 110 -8.32 -13.26 9.26
C ILE A 110 -9.19 -14.24 10.04
N CYS A 111 -10.08 -13.77 10.89
CA CYS A 111 -10.88 -14.70 11.72
C CYS A 111 -11.79 -15.54 10.83
N TYR A 112 -12.40 -14.94 9.82
CA TYR A 112 -13.27 -15.68 8.90
C TYR A 112 -12.44 -16.69 8.10
N LEU A 113 -11.25 -16.31 7.64
CA LEU A 113 -10.43 -17.23 6.82
C LEU A 113 -10.04 -18.42 7.67
N ASN A 114 -9.74 -18.19 8.94
CA ASN A 114 -9.41 -19.32 9.84
C ASN A 114 -10.62 -20.24 10.00
N LEU A 115 -11.81 -19.67 10.15
CA LEU A 115 -13.03 -20.52 10.25
C LEU A 115 -13.22 -21.27 8.94
N ALA A 116 -12.98 -20.63 7.82
CA ALA A 116 -13.17 -21.29 6.52
C ALA A 116 -12.16 -22.43 6.39
N LEU A 117 -10.92 -22.23 6.80
CA LEU A 117 -9.91 -23.29 6.60
C LEU A 117 -10.33 -24.49 7.45
N ALA A 118 -10.80 -24.23 8.66
CA ALA A 118 -11.18 -25.35 9.53
C ALA A 118 -12.34 -26.11 8.91
N ASP A 119 -13.35 -25.41 8.45
CA ASP A 119 -14.54 -26.08 7.89
C ASP A 119 -14.16 -26.79 6.60
N PHE A 120 -13.33 -26.19 5.76
CA PHE A 120 -12.99 -26.80 4.45
C PHE A 120 -12.25 -28.10 4.70
N SER A 121 -11.37 -28.10 5.69
CA SER A 121 -10.60 -29.31 6.00
C SER A 121 -11.56 -30.41 6.44
N PHE A 122 -12.49 -30.11 7.32
CA PHE A 122 -13.47 -31.12 7.77
C PHE A 122 -14.37 -31.54 6.61
N THR A 123 -14.77 -30.58 5.79
CA THR A 123 -15.69 -30.92 4.69
C THR A 123 -15.01 -31.87 3.72
N ALA A 124 -13.73 -31.67 3.46
CA ALA A 124 -13.07 -32.52 2.45
C ALA A 124 -12.57 -33.82 3.06
N THR A 125 -12.58 -33.92 4.38
CA THR A 125 -12.19 -35.19 5.03
C THR A 125 -13.45 -35.96 5.35
N LEU A 126 -14.60 -35.38 5.04
CA LEU A 126 -15.93 -36.01 5.29
C LEU A 126 -16.21 -37.22 4.40
N PRO A 127 -15.87 -37.28 3.09
CA PRO A 127 -16.29 -38.40 2.24
C PRO A 127 -15.83 -39.74 2.81
N PHE A 128 -14.64 -39.74 3.37
CA PHE A 128 -14.09 -40.98 3.94
C PHE A 128 -14.97 -41.42 5.11
N LEU A 129 -15.42 -40.48 5.93
CA LEU A 129 -16.35 -40.86 7.04
C LEU A 129 -17.67 -41.36 6.46
N ILE A 130 -18.14 -40.80 5.35
CA ILE A 130 -19.45 -41.21 4.76
C ILE A 130 -19.37 -42.70 4.44
N VAL A 131 -18.23 -43.15 3.93
CA VAL A 131 -18.04 -44.58 3.59
C VAL A 131 -18.05 -45.38 4.89
N SER A 132 -17.33 -44.92 5.90
CA SER A 132 -17.22 -45.72 7.13
C SER A 132 -18.59 -45.88 7.76
N MET A 133 -19.36 -44.82 7.82
CA MET A 133 -20.68 -44.91 8.50
C MET A 133 -21.55 -45.88 7.70
N ALA A 134 -21.48 -45.85 6.38
CA ALA A 134 -22.33 -46.71 5.53
C ALA A 134 -21.98 -48.17 5.76
N MET A 135 -20.74 -48.45 6.07
CA MET A 135 -20.28 -49.84 6.23
C MET A 135 -20.29 -50.22 7.70
N GLY A 136 -21.12 -49.58 8.51
CA GLY A 136 -21.25 -49.99 9.92
C GLY A 136 -19.94 -49.93 10.66
N GLU A 137 -19.31 -48.76 10.67
CA GLU A 137 -18.04 -48.56 11.39
C GLU A 137 -16.99 -49.57 10.93
N LYS A 138 -16.87 -49.79 9.63
CA LYS A 138 -15.78 -50.67 9.14
C LYS A 138 -14.84 -49.83 8.31
N TRP A 139 -13.53 -49.87 8.59
CA TRP A 139 -12.57 -48.96 7.91
C TRP A 139 -12.01 -49.62 6.66
N PRO A 140 -12.46 -49.30 5.43
CA PRO A 140 -11.83 -49.86 4.28
C PRO A 140 -10.66 -48.95 3.94
N PHE A 141 -9.77 -48.71 4.89
CA PHE A 141 -8.58 -47.87 4.64
C PHE A 141 -7.49 -48.37 5.60
N GLY A 142 -6.25 -48.03 5.35
CA GLY A 142 -5.16 -48.58 6.16
C GLY A 142 -4.91 -47.79 7.42
N TRP A 143 -3.88 -48.16 8.17
CA TRP A 143 -3.53 -47.45 9.43
C TRP A 143 -3.13 -46.01 9.10
N PHE A 144 -2.39 -45.78 8.03
CA PHE A 144 -1.95 -44.37 7.82
C PHE A 144 -3.14 -43.45 7.55
N LEU A 145 -4.09 -43.84 6.71
CA LEU A 145 -5.24 -42.92 6.54
C LEU A 145 -6.03 -42.77 7.85
N CYS A 146 -6.22 -43.84 8.63
CA CYS A 146 -7.08 -43.72 9.84
C CYS A 146 -6.48 -42.72 10.80
N LYS A 147 -5.19 -42.80 11.07
CA LYS A 147 -4.68 -41.78 11.99
C LYS A 147 -4.75 -40.39 11.34
N LEU A 148 -4.49 -40.23 10.05
CA LEU A 148 -4.59 -38.86 9.47
C LEU A 148 -6.03 -38.35 9.48
N ILE A 149 -7.01 -39.15 9.06
CA ILE A 149 -8.41 -38.64 8.94
C ILE A 149 -8.95 -38.34 10.34
N HIS A 150 -8.84 -39.25 11.29
CA HIS A 150 -9.43 -38.99 12.62
C HIS A 150 -8.62 -37.90 13.37
N ILE A 151 -7.41 -37.55 12.93
CA ILE A 151 -6.66 -36.37 13.48
C ILE A 151 -7.19 -35.10 12.84
N VAL A 152 -7.33 -35.09 11.51
CA VAL A 152 -7.86 -33.88 10.83
C VAL A 152 -9.28 -33.61 11.34
N VAL A 153 -10.20 -34.56 11.29
CA VAL A 153 -11.60 -34.27 11.73
C VAL A 153 -11.54 -33.68 13.13
N ASP A 154 -10.71 -34.21 13.99
CA ASP A 154 -10.74 -33.75 15.41
C ASP A 154 -9.85 -32.57 15.72
N ILE A 155 -9.10 -32.01 14.77
CA ILE A 155 -8.39 -30.74 15.06
C ILE A 155 -9.19 -29.66 14.36
N ASN A 156 -10.04 -30.05 13.41
CA ASN A 156 -10.93 -29.07 12.76
C ASN A 156 -12.23 -28.88 13.56
N LEU A 157 -12.85 -29.93 14.10
CA LEU A 157 -14.10 -29.69 14.83
C LEU A 157 -13.81 -28.85 16.06
N PHE A 158 -12.74 -29.13 16.80
CA PHE A 158 -12.43 -28.24 17.93
C PHE A 158 -12.10 -26.85 17.41
N GLY A 159 -11.44 -26.80 16.27
CA GLY A 159 -11.07 -25.50 15.70
C GLY A 159 -12.28 -24.67 15.37
N SER A 160 -13.29 -25.29 14.78
CA SER A 160 -14.51 -24.53 14.41
C SER A 160 -15.21 -24.01 15.66
N VAL A 161 -15.38 -24.85 16.66
CA VAL A 161 -16.10 -24.39 17.87
C VAL A 161 -15.27 -23.28 18.53
N PHE A 162 -13.96 -23.44 18.62
CA PHE A 162 -13.13 -22.42 19.31
C PHE A 162 -13.12 -21.11 18.53
N LEU A 163 -12.98 -21.20 17.22
CA LEU A 163 -12.89 -19.98 16.41
C LEU A 163 -14.21 -19.21 16.53
N ILE A 164 -15.33 -19.90 16.59
CA ILE A 164 -16.64 -19.22 16.67
C ILE A 164 -16.66 -18.46 17.99
N GLY A 165 -16.13 -19.05 19.05
CA GLY A 165 -16.02 -18.34 20.33
C GLY A 165 -15.13 -17.14 20.21
N PHE A 166 -14.02 -17.24 19.49
CA PHE A 166 -13.09 -16.11 19.31
C PHE A 166 -13.78 -15.00 18.52
N ILE A 167 -14.54 -15.36 17.50
CA ILE A 167 -15.19 -14.31 16.66
C ILE A 167 -16.19 -13.55 17.53
N ALA A 168 -16.90 -14.26 18.39
CA ALA A 168 -17.85 -13.59 19.29
C ALA A 168 -17.12 -12.65 20.24
N LEU A 169 -15.99 -13.09 20.81
CA LEU A 169 -15.28 -12.24 21.80
C LEU A 169 -14.83 -10.99 21.06
N ASP A 170 -14.40 -11.14 19.81
CA ASP A 170 -13.90 -9.99 19.03
C ASP A 170 -15.03 -8.98 18.83
N ARG A 171 -16.21 -9.46 18.46
CA ARG A 171 -17.33 -8.54 18.18
C ARG A 171 -17.76 -7.84 19.47
N CYS A 172 -17.79 -8.55 20.58
CA CYS A 172 -18.13 -7.92 21.87
C CYS A 172 -17.10 -6.87 22.28
N ILE A 173 -15.81 -7.13 22.11
CA ILE A 173 -14.76 -6.13 22.43
C ILE A 173 -14.91 -4.92 21.51
N CYS A 174 -15.22 -5.10 20.23
CA CYS A 174 -15.45 -3.95 19.32
C CYS A 174 -16.67 -3.13 19.71
N VAL A 175 -17.79 -3.75 20.10
CA VAL A 175 -19.03 -2.98 20.38
C VAL A 175 -19.07 -2.46 21.82
N LEU A 176 -18.84 -3.29 22.81
CA LEU A 176 -18.93 -2.85 24.22
C LEU A 176 -17.83 -1.85 24.58
N HIS A 177 -16.59 -2.08 24.12
CA HIS A 177 -15.45 -1.16 24.41
C HIS A 177 -14.91 -0.58 23.10
N PRO A 178 -15.52 0.42 22.41
CA PRO A 178 -15.03 0.84 21.12
C PRO A 178 -13.64 1.50 21.13
N VAL A 179 -13.38 2.35 22.11
CA VAL A 179 -12.08 3.09 22.13
C VAL A 179 -10.92 2.09 22.27
N TRP A 180 -11.07 1.09 23.12
CA TRP A 180 -9.94 0.15 23.35
C TRP A 180 -9.63 -0.59 22.06
N ALA A 181 -10.65 -1.04 21.36
CA ALA A 181 -10.42 -1.76 20.11
C ALA A 181 -9.78 -0.84 19.10
N GLN A 182 -10.22 0.40 19.04
CA GLN A 182 -9.71 1.34 18.01
C GLN A 182 -8.22 1.53 18.24
N ASN A 183 -7.79 1.65 19.48
CA ASN A 183 -6.39 2.01 19.76
C ASN A 183 -5.47 0.83 20.06
N HIS A 184 -5.93 -0.41 20.13
CA HIS A 184 -5.01 -1.53 20.48
C HIS A 184 -5.38 -2.83 19.77
N ARG A 185 -6.14 -2.79 18.69
CA ARG A 185 -6.53 -4.01 17.95
C ARG A 185 -6.11 -3.87 16.50
N THR A 186 -5.25 -4.75 16.01
CA THR A 186 -4.71 -4.63 14.64
C THR A 186 -4.31 -6.00 14.11
N VAL A 187 -3.97 -6.09 12.83
CA VAL A 187 -3.71 -7.42 12.22
C VAL A 187 -2.59 -8.14 12.96
N SER A 188 -1.56 -7.43 13.43
CA SER A 188 -0.41 -8.14 14.05
C SER A 188 -0.79 -8.87 15.33
N LEU A 189 -1.50 -8.21 16.24
CA LEU A 189 -1.97 -8.91 17.46
C LEU A 189 -2.94 -10.00 17.04
N ALA A 190 -3.79 -9.74 16.05
CA ALA A 190 -4.80 -10.76 15.71
C ALA A 190 -4.16 -12.04 15.22
N MET A 191 -3.18 -11.92 14.32
CA MET A 191 -2.53 -13.12 13.75
C MET A 191 -1.77 -13.84 14.85
N LYS A 192 -1.15 -13.11 15.76
CA LYS A 192 -0.47 -13.78 16.89
C LYS A 192 -1.48 -14.49 17.78
N VAL A 193 -2.62 -13.89 18.10
CA VAL A 193 -3.56 -14.52 19.07
C VAL A 193 -4.51 -15.52 18.42
N ILE A 194 -4.57 -15.59 17.10
CA ILE A 194 -5.42 -16.61 16.41
C ILE A 194 -4.80 -17.99 16.56
N VAL A 195 -3.50 -18.07 16.82
CA VAL A 195 -2.81 -19.36 17.02
C VAL A 195 -3.37 -20.03 18.27
N GLY A 196 -3.85 -19.27 19.24
CA GLY A 196 -4.30 -19.86 20.53
C GLY A 196 -5.43 -20.87 20.41
N PRO A 197 -6.52 -20.62 19.66
CA PRO A 197 -7.50 -21.67 19.47
C PRO A 197 -6.93 -22.93 18.81
N TRP A 198 -6.11 -22.77 17.77
CA TRP A 198 -5.53 -23.93 17.06
C TRP A 198 -4.62 -24.76 17.97
N ILE A 199 -3.76 -24.12 18.76
CA ILE A 199 -2.88 -24.87 19.71
C ILE A 199 -3.74 -25.56 20.75
N LEU A 200 -4.85 -24.95 21.18
CA LEU A 200 -5.73 -25.67 22.13
C LEU A 200 -6.25 -26.93 21.46
N ALA A 201 -6.61 -26.84 20.19
CA ALA A 201 -7.17 -28.02 19.50
C ALA A 201 -6.10 -29.09 19.42
N LEU A 202 -4.86 -28.72 19.10
CA LEU A 202 -3.78 -29.72 18.94
C LEU A 202 -3.48 -30.39 20.27
N VAL A 203 -3.42 -29.62 21.35
CA VAL A 203 -3.21 -30.23 22.69
C VAL A 203 -4.37 -31.15 23.00
N LEU A 204 -5.59 -30.80 22.63
CA LEU A 204 -6.75 -31.63 23.06
C LEU A 204 -6.99 -32.80 22.10
N THR A 205 -6.22 -32.91 21.01
CA THR A 205 -6.37 -34.08 20.11
C THR A 205 -5.21 -35.06 20.25
N LEU A 206 -4.30 -34.85 21.19
CA LEU A 206 -3.18 -35.80 21.47
C LEU A 206 -3.69 -37.14 22.00
N PRO A 207 -4.87 -37.28 22.66
CA PRO A 207 -5.35 -38.59 23.03
C PRO A 207 -5.47 -39.39 21.73
N VAL A 208 -5.96 -38.78 20.65
CA VAL A 208 -6.13 -39.60 19.43
C VAL A 208 -4.79 -40.06 18.85
N PHE A 209 -3.75 -39.23 18.73
CA PHE A 209 -2.50 -39.77 18.14
C PHE A 209 -1.92 -40.86 19.04
N LEU A 210 -1.88 -40.61 20.35
CA LEU A 210 -1.27 -41.57 21.29
C LEU A 210 -2.07 -42.85 21.37
N PHE A 211 -3.40 -42.80 21.34
CA PHE A 211 -4.16 -44.04 21.59
C PHE A 211 -5.21 -44.44 20.56
N LEU A 212 -5.01 -44.31 19.25
CA LEU A 212 -6.04 -44.82 18.28
C LEU A 212 -5.37 -45.72 17.25
N THR A 213 -6.09 -46.71 16.72
CA THR A 213 -5.46 -47.66 15.78
C THR A 213 -6.55 -48.41 15.06
N THR A 214 -6.18 -49.43 14.32
CA THR A 214 -7.22 -50.26 13.69
C THR A 214 -7.08 -51.65 14.28
N VAL A 215 -8.10 -52.14 14.94
CA VAL A 215 -8.04 -53.54 15.40
C VAL A 215 -8.76 -54.28 14.31
N THR A 216 -8.37 -55.52 14.05
CA THR A 216 -9.05 -56.34 13.03
C THR A 216 -9.74 -57.50 13.73
N ILE A 217 -10.96 -57.82 13.31
CA ILE A 217 -11.74 -58.91 13.97
C ILE A 217 -11.60 -60.14 13.07
N PRO A 218 -11.26 -61.32 13.61
CA PRO A 218 -11.05 -62.46 12.74
C PRO A 218 -12.41 -62.76 12.10
N ASN A 219 -12.36 -63.21 10.85
CA ASN A 219 -13.61 -63.50 10.10
C ASN A 219 -14.37 -62.20 9.96
N GLY A 220 -13.63 -61.10 9.84
CA GLY A 220 -14.28 -59.80 9.66
C GLY A 220 -13.34 -58.71 9.17
N ASP A 221 -13.89 -57.59 8.73
CA ASP A 221 -13.07 -56.43 8.31
C ASP A 221 -12.58 -55.73 9.57
N THR A 222 -11.60 -54.86 9.43
CA THR A 222 -11.04 -54.10 10.57
C THR A 222 -11.99 -52.99 11.03
N TYR A 223 -11.91 -52.53 12.29
CA TYR A 223 -12.76 -51.43 12.81
C TYR A 223 -11.86 -50.34 13.44
N CYS A 224 -12.09 -49.03 13.22
CA CYS A 224 -11.15 -48.00 13.77
C CYS A 224 -11.62 -47.59 15.16
N THR A 225 -10.93 -48.04 16.20
CA THR A 225 -11.35 -47.73 17.58
C THR A 225 -10.14 -47.47 18.44
N PHE A 226 -10.33 -46.83 19.58
CA PHE A 226 -9.20 -46.62 20.51
C PHE A 226 -8.79 -48.00 20.97
N ASN A 227 -7.49 -48.31 20.95
CA ASN A 227 -7.02 -49.61 21.49
C ASN A 227 -5.94 -49.34 22.54
N PHE A 228 -6.17 -49.80 23.76
CA PHE A 228 -5.20 -49.45 24.83
C PHE A 228 -4.38 -50.71 25.11
N ALA A 229 -4.46 -51.70 24.22
CA ALA A 229 -3.76 -52.99 24.45
C ALA A 229 -2.28 -52.76 24.65
N SER A 230 -1.69 -51.88 23.87
CA SER A 230 -0.22 -51.67 23.94
C SER A 230 0.14 -51.18 25.34
N TRP A 231 -0.69 -50.37 26.00
CA TRP A 231 -0.30 -50.00 27.37
C TRP A 231 -0.30 -51.28 28.19
N GLY A 232 0.79 -51.55 28.89
CA GLY A 232 0.96 -52.87 29.56
C GLY A 232 0.26 -53.07 30.88
N GLY A 233 0.15 -54.34 31.32
CA GLY A 233 -0.48 -54.66 32.61
C GLY A 233 -1.40 -55.85 32.46
N THR A 234 -2.27 -56.08 33.43
CA THR A 234 -3.28 -57.16 33.32
C THR A 234 -4.38 -56.72 32.36
N PRO A 235 -5.23 -57.61 31.82
CA PRO A 235 -6.33 -57.17 31.00
C PRO A 235 -7.26 -56.21 31.77
N GLU A 236 -7.49 -56.48 33.06
CA GLU A 236 -8.31 -55.55 33.87
C GLU A 236 -7.64 -54.18 33.95
N GLU A 237 -6.32 -54.12 34.01
CA GLU A 237 -5.65 -52.80 34.01
C GLU A 237 -5.99 -52.08 32.70
N ARG A 238 -6.01 -52.82 31.61
CA ARG A 238 -6.37 -52.21 30.32
C ARG A 238 -7.80 -51.69 30.43
N LEU A 239 -8.66 -52.44 31.11
CA LEU A 239 -10.06 -52.01 31.26
C LEU A 239 -10.06 -50.69 32.01
N LYS A 240 -9.27 -50.57 33.07
CA LYS A 240 -9.29 -49.33 33.87
C LYS A 240 -8.74 -48.17 33.03
N VAL A 241 -7.67 -48.38 32.30
CA VAL A 241 -7.11 -47.22 31.55
C VAL A 241 -8.14 -46.80 30.52
N ALA A 242 -8.78 -47.77 29.87
CA ALA A 242 -9.73 -47.40 28.81
C ALA A 242 -10.89 -46.60 29.42
N ILE A 243 -11.56 -47.13 30.45
CA ILE A 243 -12.82 -46.50 30.97
C ILE A 243 -12.67 -45.05 31.42
N THR A 244 -11.94 -44.78 32.50
CA THR A 244 -11.90 -43.42 33.07
C THR A 244 -11.35 -42.42 32.02
N MET A 245 -10.36 -42.84 31.22
CA MET A 245 -9.75 -41.95 30.19
C MET A 245 -10.80 -41.60 29.14
N LEU A 246 -11.53 -42.60 28.63
CA LEU A 246 -12.61 -42.33 27.64
C LEU A 246 -13.67 -41.44 28.31
N THR A 247 -13.96 -41.70 29.59
CA THR A 247 -14.95 -40.87 30.33
C THR A 247 -14.45 -39.43 30.40
N ALA A 248 -13.16 -39.23 30.67
CA ALA A 248 -12.58 -37.87 30.73
C ALA A 248 -12.67 -37.20 29.36
N ARG A 249 -12.39 -37.95 28.29
CA ARG A 249 -12.47 -37.39 26.91
C ARG A 249 -13.90 -36.89 26.65
N GLY A 250 -14.90 -37.71 27.00
CA GLY A 250 -16.30 -37.30 26.80
C GLY A 250 -16.63 -36.06 27.61
N ILE A 251 -16.14 -35.98 28.84
CA ILE A 251 -16.39 -34.78 29.71
C ILE A 251 -15.77 -33.55 29.05
N ILE A 252 -14.50 -33.64 28.65
CA ILE A 252 -13.79 -32.47 28.03
C ILE A 252 -14.56 -32.06 26.78
N ARG A 253 -15.08 -33.04 26.04
CA ARG A 253 -15.87 -32.75 24.80
C ARG A 253 -17.10 -31.91 25.17
N PHE A 254 -17.58 -32.03 26.41
CA PHE A 254 -18.70 -31.18 26.87
C PHE A 254 -18.18 -29.85 27.44
N VAL A 255 -17.37 -29.86 28.50
CA VAL A 255 -16.99 -28.56 29.13
C VAL A 255 -16.16 -27.62 28.25
N ILE A 256 -15.04 -28.03 27.67
CA ILE A 256 -14.29 -27.14 26.74
C ILE A 256 -15.03 -27.04 25.40
N GLY A 257 -15.61 -28.12 24.92
CA GLY A 257 -16.29 -28.15 23.61
C GLY A 257 -17.58 -27.37 23.49
N PHE A 258 -18.46 -27.42 24.50
CA PHE A 258 -19.77 -26.74 24.41
C PHE A 258 -19.89 -25.65 25.47
N SER A 259 -19.68 -25.96 26.74
CA SER A 259 -19.87 -24.94 27.79
C SER A 259 -19.05 -23.69 27.44
N LEU A 260 -17.73 -23.81 27.28
CA LEU A 260 -16.93 -22.60 27.01
C LEU A 260 -17.38 -21.90 25.73
N PRO A 261 -17.53 -22.57 24.56
CA PRO A 261 -18.03 -21.87 23.39
C PRO A 261 -19.48 -21.40 23.46
N MET A 262 -20.40 -22.22 23.96
CA MET A 262 -21.81 -21.75 24.10
C MET A 262 -21.89 -20.62 25.11
N SER A 263 -21.21 -20.73 26.24
CA SER A 263 -21.31 -19.60 27.18
C SER A 263 -20.76 -18.35 26.52
N ILE A 264 -19.60 -18.42 25.88
CA ILE A 264 -19.01 -17.17 25.34
C ILE A 264 -19.91 -16.66 24.24
N VAL A 265 -20.40 -17.52 23.36
CA VAL A 265 -21.17 -16.99 22.20
C VAL A 265 -22.45 -16.32 22.68
N ALA A 266 -23.18 -16.98 23.55
CA ALA A 266 -24.45 -16.40 24.03
C ALA A 266 -24.19 -15.18 24.90
N ILE A 267 -23.22 -15.23 25.80
CA ILE A 267 -23.02 -14.05 26.69
C ILE A 267 -22.62 -12.86 25.83
N CYS A 268 -21.69 -13.05 24.89
CA CYS A 268 -21.22 -11.91 24.08
C CYS A 268 -22.34 -11.40 23.18
N TYR A 269 -23.03 -12.29 22.49
CA TYR A 269 -24.05 -11.81 21.54
C TYR A 269 -25.18 -11.14 22.32
N GLY A 270 -25.51 -11.67 23.49
CA GLY A 270 -26.54 -11.04 24.32
C GLY A 270 -26.13 -9.65 24.74
N LEU A 271 -24.88 -9.49 25.15
CA LEU A 271 -24.40 -8.17 25.59
C LEU A 271 -24.43 -7.20 24.41
N ILE A 272 -24.11 -7.69 23.21
CA ILE A 272 -24.14 -6.82 22.01
C ILE A 272 -25.57 -6.38 21.78
N ALA A 273 -26.53 -7.29 21.94
CA ALA A 273 -27.95 -6.94 21.71
C ALA A 273 -28.35 -5.89 22.73
N ALA A 274 -27.92 -6.05 23.97
CA ALA A 274 -28.33 -5.09 25.00
C ALA A 274 -27.77 -3.72 24.69
N LYS A 275 -26.50 -3.64 24.31
CA LYS A 275 -25.88 -2.32 24.07
C LYS A 275 -26.58 -1.65 22.91
N ILE A 276 -26.85 -2.37 21.83
CA ILE A 276 -27.45 -1.68 20.66
C ILE A 276 -28.84 -1.13 21.02
N HIS A 277 -29.67 -1.90 21.72
CA HIS A 277 -31.05 -1.42 22.04
C HIS A 277 -31.01 -0.21 22.99
N LYS A 278 -30.18 -0.25 24.03
CA LYS A 278 -30.06 0.89 24.98
C LYS A 278 -29.74 2.16 24.20
N LYS A 279 -28.91 2.06 23.17
CA LYS A 279 -28.50 3.27 22.40
C LYS A 279 -29.43 3.49 21.22
N GLY A 280 -30.46 2.64 21.07
CA GLY A 280 -31.42 2.80 19.97
C GLY A 280 -30.78 2.80 18.58
N MET A 281 -29.93 1.82 18.29
CA MET A 281 -29.29 1.73 16.95
C MET A 281 -29.95 0.66 16.08
N ILE A 282 -31.02 0.02 16.55
CA ILE A 282 -31.75 -0.97 15.69
C ILE A 282 -32.71 -0.17 14.82
N LYS A 283 -32.54 -0.27 13.51
CA LYS A 283 -33.40 0.51 12.58
C LYS A 283 -34.06 -0.43 11.59
N SER A 284 -33.91 -1.74 11.79
CA SER A 284 -34.46 -2.74 10.85
C SER A 284 -34.59 -4.08 11.55
N SER A 285 -34.92 -5.13 10.81
CA SER A 285 -35.03 -6.49 11.40
C SER A 285 -33.69 -7.24 11.39
N ARG A 286 -32.72 -6.80 10.60
CA ARG A 286 -31.45 -7.58 10.49
C ARG A 286 -30.72 -7.65 11.82
N PRO A 287 -30.57 -6.57 12.61
CA PRO A 287 -29.79 -6.66 13.83
C PRO A 287 -30.24 -7.78 14.77
N LEU A 288 -31.53 -8.03 14.92
CA LEU A 288 -31.95 -9.06 15.90
C LEU A 288 -32.26 -10.35 15.15
N ARG A 289 -32.10 -10.37 13.83
CA ARG A 289 -32.31 -11.61 13.05
C ARG A 289 -31.00 -12.40 12.98
N VAL A 290 -29.91 -11.75 12.58
CA VAL A 290 -28.59 -12.43 12.49
C VAL A 290 -28.14 -12.86 13.88
N LEU A 291 -28.35 -12.06 14.92
CA LEU A 291 -27.82 -12.46 16.24
C LEU A 291 -28.53 -13.74 16.68
N THR A 292 -29.84 -13.80 16.50
CA THR A 292 -30.58 -15.02 16.87
C THR A 292 -30.13 -16.15 15.98
N ALA A 293 -29.91 -15.87 14.70
CA ALA A 293 -29.54 -16.94 13.77
C ALA A 293 -28.23 -17.58 14.24
N VAL A 294 -27.26 -16.79 14.63
CA VAL A 294 -25.94 -17.35 15.04
C VAL A 294 -26.08 -18.13 16.34
N VAL A 295 -26.73 -17.58 17.36
CA VAL A 295 -26.78 -18.31 18.64
C VAL A 295 -27.59 -19.60 18.44
N ALA A 296 -28.70 -19.50 17.73
CA ALA A 296 -29.56 -20.68 17.56
C ALA A 296 -28.87 -21.71 16.69
N SER A 297 -28.15 -21.28 15.66
CA SER A 297 -27.55 -22.27 14.74
C SER A 297 -26.59 -23.13 15.52
N PHE A 298 -25.77 -22.51 16.34
CA PHE A 298 -24.80 -23.25 17.16
C PHE A 298 -25.54 -24.14 18.15
N PHE A 299 -26.57 -23.66 18.84
CA PHE A 299 -27.22 -24.51 19.85
C PHE A 299 -27.94 -25.69 19.20
N ILE A 300 -28.68 -25.46 18.13
CA ILE A 300 -29.46 -26.54 17.50
C ILE A 300 -28.52 -27.57 16.90
N CYS A 301 -27.44 -27.14 16.26
CA CYS A 301 -26.48 -28.09 15.65
C CYS A 301 -25.71 -28.88 16.70
N TRP A 302 -25.34 -28.29 17.83
CA TRP A 302 -24.46 -29.03 18.75
C TRP A 302 -25.15 -29.58 19.99
N PHE A 303 -26.29 -29.05 20.40
CA PHE A 303 -26.86 -29.56 21.68
C PHE A 303 -27.25 -31.03 21.57
N PRO A 304 -27.88 -31.52 20.49
CA PRO A 304 -28.19 -32.92 20.46
C PRO A 304 -26.94 -33.79 20.56
N PHE A 305 -25.90 -33.48 19.81
CA PHE A 305 -24.70 -34.35 19.82
C PHE A 305 -24.05 -34.31 21.18
N GLN A 306 -23.89 -33.11 21.74
CA GLN A 306 -23.18 -33.04 23.03
C GLN A 306 -24.00 -33.79 24.06
N LEU A 307 -25.34 -33.69 23.99
CA LEU A 307 -26.17 -34.34 25.03
C LEU A 307 -25.98 -35.85 24.94
N VAL A 308 -26.02 -36.42 23.73
CA VAL A 308 -25.88 -37.89 23.56
C VAL A 308 -24.48 -38.31 24.01
N ALA A 309 -23.47 -37.54 23.61
CA ALA A 309 -22.08 -37.88 23.98
C ALA A 309 -21.91 -37.81 25.49
N LEU A 310 -22.49 -36.80 26.14
CA LEU A 310 -22.34 -36.65 27.61
C LEU A 310 -23.06 -37.82 28.28
N LEU A 311 -24.24 -38.16 27.78
CA LEU A 311 -24.99 -39.24 28.48
C LEU A 311 -24.16 -40.51 28.34
N GLY A 312 -23.57 -40.70 27.17
CA GLY A 312 -22.78 -41.91 26.96
C GLY A 312 -21.58 -41.93 27.86
N THR A 313 -20.88 -40.81 27.98
CA THR A 313 -19.64 -40.85 28.77
C THR A 313 -20.02 -41.18 30.20
N VAL A 314 -21.15 -40.66 30.64
CA VAL A 314 -21.55 -40.90 32.05
C VAL A 314 -21.88 -42.37 32.22
N TRP A 315 -22.48 -42.98 31.21
CA TRP A 315 -22.93 -44.39 31.31
C TRP A 315 -22.02 -45.33 30.50
N LEU A 316 -20.75 -44.99 30.31
CA LEU A 316 -19.91 -45.82 29.42
C LEU A 316 -19.80 -47.24 29.96
N LYS A 317 -19.66 -47.38 31.28
CA LYS A 317 -19.40 -48.73 31.83
C LYS A 317 -20.58 -49.60 31.46
N GLU A 318 -21.78 -49.07 31.64
CA GLU A 318 -22.94 -49.92 31.39
C GLU A 318 -22.96 -50.30 29.92
N MET A 319 -22.68 -49.36 29.04
CA MET A 319 -22.85 -49.69 27.61
C MET A 319 -21.85 -50.76 27.18
N LEU A 320 -20.58 -50.61 27.52
CA LEU A 320 -19.59 -51.59 27.02
C LEU A 320 -19.71 -52.94 27.75
N PHE A 321 -19.71 -52.92 29.07
CA PHE A 321 -19.71 -54.21 29.81
C PHE A 321 -21.06 -54.93 29.70
N TYR A 322 -22.17 -54.22 29.87
CA TYR A 322 -23.49 -54.92 29.93
C TYR A 322 -24.33 -54.66 28.69
N GLY A 323 -23.76 -54.05 27.64
CA GLY A 323 -24.54 -53.88 26.40
C GLY A 323 -25.85 -53.20 26.67
N LYS A 324 -25.85 -52.16 27.50
CA LYS A 324 -27.12 -51.53 27.91
C LYS A 324 -27.29 -50.18 27.22
N TYR A 325 -28.49 -49.60 27.31
CA TYR A 325 -28.73 -48.25 26.77
C TYR A 325 -28.36 -48.25 25.29
N LYS A 326 -28.90 -49.20 24.54
CA LYS A 326 -28.54 -49.32 23.11
C LYS A 326 -28.98 -48.09 22.31
N ILE A 327 -29.93 -47.31 22.79
CA ILE A 327 -30.46 -46.18 21.98
C ILE A 327 -29.32 -45.23 21.64
N ILE A 328 -28.36 -45.08 22.54
CA ILE A 328 -27.28 -44.07 22.32
C ILE A 328 -26.54 -44.45 21.05
N ASP A 329 -26.32 -45.73 20.82
CA ASP A 329 -25.50 -46.11 19.65
C ASP A 329 -26.19 -45.71 18.37
N ILE A 330 -27.50 -45.96 18.28
CA ILE A 330 -28.21 -45.65 17.02
C ILE A 330 -28.27 -44.15 16.86
N LEU A 331 -28.45 -43.41 17.95
CA LEU A 331 -28.59 -41.93 17.89
C LEU A 331 -27.28 -41.24 17.49
N VAL A 332 -26.12 -41.79 17.83
CA VAL A 332 -24.85 -41.05 17.61
C VAL A 332 -24.64 -40.69 16.15
N ASN A 333 -24.87 -41.58 15.20
CA ASN A 333 -24.65 -41.16 13.80
C ASN A 333 -25.64 -40.08 13.35
N PRO A 334 -26.98 -40.20 13.51
CA PRO A 334 -27.90 -39.09 13.20
C PRO A 334 -27.55 -37.78 13.91
N THR A 335 -27.24 -37.83 15.20
CA THR A 335 -26.95 -36.58 15.96
C THR A 335 -25.64 -35.99 15.47
N SER A 336 -24.73 -36.84 14.97
CA SER A 336 -23.44 -36.37 14.40
C SER A 336 -23.72 -35.60 13.13
N SER A 337 -24.75 -35.99 12.40
CA SER A 337 -25.00 -35.32 11.10
C SER A 337 -25.27 -33.84 11.29
N LEU A 338 -26.05 -33.47 12.30
CA LEU A 338 -26.33 -32.04 12.55
C LEU A 338 -25.03 -31.31 12.90
N ALA A 339 -24.20 -31.93 13.72
CA ALA A 339 -22.97 -31.24 14.16
C ALA A 339 -22.12 -30.96 12.94
N PHE A 340 -22.03 -31.91 12.04
CA PHE A 340 -21.22 -31.70 10.83
C PHE A 340 -21.88 -30.61 10.00
N PHE A 341 -23.21 -30.54 10.03
CA PHE A 341 -23.94 -29.58 9.17
C PHE A 341 -23.59 -28.16 9.57
N ASN A 342 -23.20 -27.98 10.83
CA ASN A 342 -22.87 -26.63 11.34
C ASN A 342 -21.74 -26.07 10.50
N SER A 343 -20.80 -26.93 10.07
CA SER A 343 -19.63 -26.46 9.29
C SER A 343 -20.10 -25.82 7.98
N CYS A 344 -21.10 -26.40 7.35
CA CYS A 344 -21.68 -25.81 6.11
C CYS A 344 -22.43 -24.49 6.41
N LEU A 345 -23.20 -24.43 7.50
CA LEU A 345 -23.97 -23.22 7.86
C LEU A 345 -23.03 -22.08 8.22
N ASN A 346 -21.85 -22.33 8.81
CA ASN A 346 -20.98 -21.24 9.31
C ASN A 346 -20.56 -20.24 8.25
N PRO A 347 -20.11 -20.62 7.03
CA PRO A 347 -19.82 -19.62 6.03
C PRO A 347 -21.04 -18.75 5.69
N MET A 348 -22.24 -19.31 5.70
CA MET A 348 -23.44 -18.52 5.33
C MET A 348 -23.86 -17.53 6.42
N LEU A 349 -23.74 -17.86 7.69
CA LEU A 349 -24.23 -16.96 8.78
C LEU A 349 -23.12 -16.08 9.32
N TYR A 350 -21.93 -16.10 8.73
CA TYR A 350 -20.80 -15.32 9.31
C TYR A 350 -20.06 -14.60 8.20
N VAL A 351 -20.19 -14.99 6.93
CA VAL A 351 -19.42 -14.22 5.90
C VAL A 351 -20.34 -13.71 4.82
N PHE A 352 -21.26 -14.54 4.34
CA PHE A 352 -22.13 -14.15 3.21
C PHE A 352 -23.03 -12.99 3.57
N VAL A 353 -23.47 -12.89 4.81
CA VAL A 353 -24.41 -11.82 5.20
C VAL A 353 -23.77 -10.46 4.95
N GLY A 354 -22.46 -10.33 5.13
CA GLY A 354 -21.80 -9.02 5.02
C GLY A 354 -21.90 -8.39 3.64
N GLN A 355 -22.07 -7.07 3.58
CA GLN A 355 -22.24 -6.38 2.28
C GLN A 355 -20.96 -6.44 1.45
N ASP A 356 -19.81 -6.18 2.06
CA ASP A 356 -18.57 -6.11 1.27
C ASP A 356 -18.28 -7.46 0.65
N PHE A 357 -18.48 -8.53 1.41
CA PHE A 357 -18.11 -9.84 0.87
C PHE A 357 -18.96 -10.12 -0.36
N ARG A 358 -20.25 -9.83 -0.28
CA ARG A 358 -21.12 -10.16 -1.42
C ARG A 358 -20.67 -9.35 -2.61
N GLU A 359 -20.35 -8.08 -2.40
CA GLU A 359 -20.02 -7.21 -3.55
C GLU A 359 -18.75 -7.75 -4.20
N ARG A 360 -17.76 -8.08 -3.40
CA ARG A 360 -16.48 -8.52 -3.99
C ARG A 360 -16.70 -9.84 -4.72
N LEU A 361 -17.53 -10.72 -4.16
CA LEU A 361 -17.79 -12.00 -4.85
C LEU A 361 -18.46 -11.73 -6.19
N ILE A 362 -19.43 -10.83 -6.22
CA ILE A 362 -20.19 -10.65 -7.50
C ILE A 362 -19.23 -10.12 -8.55
N HIS A 363 -18.34 -9.21 -8.16
CA HIS A 363 -17.34 -8.70 -9.12
C HIS A 363 -16.41 -9.83 -9.53
N SER A 364 -15.99 -10.66 -8.58
CA SER A 364 -14.99 -11.71 -8.89
C SER A 364 -15.55 -12.75 -9.86
N LEU A 365 -16.82 -13.12 -9.71
CA LEU A 365 -17.39 -14.21 -10.53
C LEU A 365 -17.08 -14.02 -12.02
N LEU B 4 21.16 -18.26 -7.85
CA LEU B 4 19.98 -17.44 -7.47
C LEU B 4 20.36 -15.96 -7.44
N SER B 5 20.87 -15.48 -6.31
CA SER B 5 21.13 -14.04 -6.15
C SER B 5 22.51 -13.80 -5.57
N ALA B 6 23.10 -12.63 -5.83
CA ALA B 6 24.46 -12.32 -5.34
C ALA B 6 24.48 -11.19 -4.31
N GLU B 7 24.12 -9.99 -4.73
CA GLU B 7 24.15 -8.80 -3.83
C GLU B 7 22.75 -8.24 -3.60
N ASP B 8 21.76 -8.69 -4.36
CA ASP B 8 20.38 -8.20 -4.17
C ASP B 8 19.71 -8.88 -2.98
N LYS B 9 20.35 -9.87 -2.36
CA LYS B 9 19.76 -10.43 -1.13
C LYS B 9 19.70 -9.36 -0.05
N ALA B 10 20.75 -8.55 0.05
CA ALA B 10 20.72 -7.43 1.00
C ALA B 10 19.62 -6.43 0.59
N ALA B 11 19.44 -6.25 -0.71
CA ALA B 11 18.35 -5.38 -1.18
C ALA B 11 16.99 -5.92 -0.74
N VAL B 12 16.82 -7.24 -0.83
CA VAL B 12 15.55 -7.85 -0.40
C VAL B 12 15.37 -7.66 1.11
N GLU B 13 16.45 -7.74 1.86
CA GLU B 13 16.35 -7.52 3.31
C GLU B 13 15.94 -6.09 3.57
N ARG B 14 16.50 -5.15 2.80
CA ARG B 14 16.14 -3.73 2.96
C ARG B 14 14.67 -3.54 2.64
N SER B 15 14.21 -4.20 1.59
CA SER B 15 12.79 -4.07 1.17
C SER B 15 11.88 -4.59 2.29
N LYS B 16 12.23 -5.72 2.88
CA LYS B 16 11.37 -6.30 3.93
C LYS B 16 11.37 -5.41 5.16
N MET B 17 12.52 -4.84 5.50
CA MET B 17 12.57 -3.91 6.65
C MET B 17 11.72 -2.68 6.37
N ILE B 18 11.78 -2.18 5.15
CA ILE B 18 10.97 -1.01 4.76
C ILE B 18 9.49 -1.39 4.85
N ASP B 19 9.14 -2.58 4.42
CA ASP B 19 7.74 -3.04 4.48
C ASP B 19 7.29 -3.08 5.95
N ARG B 20 8.16 -3.55 6.83
CA ARG B 20 7.81 -3.61 8.25
C ARG B 20 7.57 -2.21 8.80
N ASN B 21 8.41 -1.25 8.44
CA ASN B 21 8.22 0.13 8.92
C ASN B 21 6.90 0.68 8.38
N LEU B 22 6.59 0.42 7.12
CA LEU B 22 5.34 0.95 6.55
C LEU B 22 4.13 0.33 7.24
N ARG B 23 4.18 -0.96 7.53
CA ARG B 23 3.03 -1.61 8.20
C ARG B 23 2.85 -1.04 9.60
N GLU B 24 3.93 -0.83 10.33
CA GLU B 24 3.81 -0.22 11.67
C GLU B 24 3.26 1.20 11.58
N ASP B 25 3.71 1.97 10.60
CA ASP B 25 3.19 3.34 10.43
C ASP B 25 1.71 3.29 10.06
N GLY B 26 1.33 2.33 9.22
CA GLY B 26 -0.08 2.20 8.85
C GLY B 26 -0.95 1.87 10.05
N GLU B 27 -0.46 1.02 10.94
CA GLU B 27 -1.21 0.74 12.16
C GLU B 27 -1.33 2.00 13.01
N LYS B 28 -0.26 2.74 13.15
CA LYS B 28 -0.32 3.98 13.97
C LYS B 28 -1.31 4.96 13.36
N ALA B 29 -1.32 5.10 12.05
CA ALA B 29 -2.26 6.01 11.38
C ALA B 29 -3.69 5.51 11.55
N ALA B 30 -3.90 4.21 11.41
CA ALA B 30 -5.26 3.63 11.49
C ALA B 30 -5.84 3.81 12.88
N ARG B 31 -4.99 3.89 13.89
CA ARG B 31 -5.48 4.06 15.27
C ARG B 31 -6.21 5.39 15.40
N GLU B 32 -5.71 6.43 14.76
CA GLU B 32 -6.30 7.77 14.93
C GLU B 32 -7.60 7.89 14.15
N VAL B 33 -8.56 8.61 14.72
CA VAL B 33 -9.85 8.86 14.05
C VAL B 33 -9.77 10.20 13.35
N LYS B 34 -10.20 10.25 12.09
CA LYS B 34 -10.08 11.47 11.27
C LYS B 34 -11.42 12.20 11.16
N LEU B 35 -11.41 13.49 11.45
CA LEU B 35 -12.60 14.34 11.36
C LEU B 35 -12.33 15.48 10.39
N LEU B 36 -13.30 15.80 9.56
CA LEU B 36 -13.16 16.93 8.63
C LEU B 36 -14.05 18.08 9.10
N LEU B 37 -13.48 19.27 9.16
CA LEU B 37 -14.22 20.46 9.62
C LEU B 37 -14.59 21.31 8.42
N LEU B 38 -15.85 21.70 8.34
CA LEU B 38 -16.33 22.52 7.21
C LEU B 38 -17.23 23.62 7.74
N GLY B 39 -17.51 24.60 6.90
CA GLY B 39 -18.42 25.66 7.32
C GLY B 39 -18.37 26.82 6.36
N ALA B 40 -19.00 27.93 6.74
CA ALA B 40 -18.93 29.17 5.93
C ALA B 40 -18.31 30.30 6.76
N GLY B 41 -18.79 30.50 7.98
CA GLY B 41 -18.31 31.63 8.79
C GLY B 41 -17.06 31.29 9.56
N GLU B 42 -16.00 32.06 9.35
CA GLU B 42 -14.70 31.72 10.00
C GLU B 42 -14.82 31.80 11.53
N SER B 43 -15.72 32.64 12.03
CA SER B 43 -15.82 32.82 13.49
C SER B 43 -16.18 31.49 14.16
N GLY B 44 -17.14 30.76 13.58
CA GLY B 44 -17.51 29.47 14.16
C GLY B 44 -16.34 28.50 14.13
N LYS B 45 -15.62 28.47 13.00
CA LYS B 45 -14.52 27.49 12.89
C LYS B 45 -13.48 27.81 13.95
N SER B 46 -13.15 29.09 14.11
CA SER B 46 -12.09 29.45 15.08
C SER B 46 -12.55 29.09 16.49
N THR B 47 -13.81 29.38 16.78
CA THR B 47 -14.29 29.12 18.17
C THR B 47 -14.27 27.63 18.45
N ILE B 48 -14.75 26.83 17.51
CA ILE B 48 -14.84 25.37 17.75
C ILE B 48 -13.45 24.77 17.80
N VAL B 49 -12.54 25.26 16.96
CA VAL B 49 -11.15 24.73 17.00
C VAL B 49 -10.51 25.08 18.34
N LYS B 50 -10.71 26.30 18.80
CA LYS B 50 -10.13 26.70 20.10
C LYS B 50 -10.78 25.88 21.22
N GLN B 51 -12.07 25.63 21.13
CA GLN B 51 -12.77 24.85 22.18
C GLN B 51 -12.18 23.44 22.25
N MET B 52 -11.76 22.91 21.12
CA MET B 52 -11.10 21.59 21.15
C MET B 52 -9.77 21.72 21.89
N LYS B 53 -9.41 20.68 22.61
CA LYS B 53 -8.16 20.75 23.40
C LYS B 53 -6.98 20.99 22.48
N ILE B 54 -6.11 21.90 22.89
CA ILE B 54 -4.93 22.25 22.04
C ILE B 54 -3.93 23.04 22.88
N THR B 181 -2.84 29.11 2.97
CA THR B 181 -1.57 28.52 3.45
C THR B 181 -1.77 27.02 3.62
N GLY B 182 -2.84 26.48 3.03
CA GLY B 182 -3.04 25.03 3.06
C GLY B 182 -4.15 24.60 3.97
N ILE B 183 -4.10 23.34 4.38
CA ILE B 183 -5.09 22.81 5.34
C ILE B 183 -4.39 22.59 6.67
N VAL B 184 -5.04 23.00 7.74
CA VAL B 184 -4.44 22.89 9.09
C VAL B 184 -4.90 21.61 9.75
N GLU B 185 -3.96 20.87 10.32
CA GLU B 185 -4.29 19.63 11.04
C GLU B 185 -4.13 19.87 12.53
N THR B 186 -5.17 19.56 13.30
CA THR B 186 -5.13 19.74 14.76
C THR B 186 -5.22 18.38 15.44
N HIS B 187 -4.38 18.15 16.44
CA HIS B 187 -4.38 16.88 17.17
C HIS B 187 -4.90 17.11 18.58
N PHE B 188 -5.85 16.30 19.01
CA PHE B 188 -6.31 16.36 20.42
C PHE B 188 -6.70 14.95 20.85
N THR B 189 -6.39 14.61 22.10
CA THR B 189 -6.73 13.29 22.63
C THR B 189 -7.78 13.42 23.71
N PHE B 190 -8.91 12.72 23.55
CA PHE B 190 -9.95 12.69 24.58
C PHE B 190 -10.30 11.23 24.90
N LYS B 191 -10.15 10.85 26.17
CA LYS B 191 -10.48 9.49 26.63
C LYS B 191 -9.66 8.45 25.87
N ASP B 192 -8.39 8.71 25.66
CA ASP B 192 -7.49 7.72 25.02
C ASP B 192 -7.90 7.44 23.58
N LEU B 193 -8.60 8.37 22.95
CA LEU B 193 -8.91 8.25 21.50
C LEU B 193 -8.30 9.44 20.78
N HIS B 194 -7.26 9.18 20.00
CA HIS B 194 -6.57 10.28 19.30
C HIS B 194 -7.41 10.76 18.13
N PHE B 195 -7.56 12.07 18.00
CA PHE B 195 -8.38 12.65 16.91
C PHE B 195 -7.53 13.42 15.93
N LYS B 196 -8.01 13.51 14.70
CA LYS B 196 -7.34 14.32 13.66
C LYS B 196 -8.43 15.20 13.02
N MET B 197 -8.22 16.52 13.06
CA MET B 197 -9.21 17.45 12.47
C MET B 197 -8.55 18.22 11.34
N PHE B 198 -9.10 18.07 10.13
CA PHE B 198 -8.52 18.74 8.95
C PHE B 198 -9.38 19.95 8.64
N ASP B 199 -8.84 21.14 8.91
CA ASP B 199 -9.55 22.39 8.58
C ASP B 199 -9.19 22.74 7.15
N VAL B 200 -10.18 22.77 6.28
CA VAL B 200 -9.91 23.05 4.85
C VAL B 200 -10.51 24.40 4.47
N GLY B 201 -10.81 25.24 5.44
CA GLY B 201 -11.48 26.52 5.13
C GLY B 201 -10.63 27.41 4.25
N ALA B 202 -9.32 27.44 4.46
CA ALA B 202 -8.47 28.38 3.71
C ALA B 202 -8.34 28.00 2.23
N GLN B 203 -8.75 26.79 1.87
CA GLN B 203 -8.54 26.33 0.47
C GLN B 203 -9.63 26.96 -0.40
N ARG B 204 -9.26 28.00 -1.14
CA ARG B 204 -10.24 28.64 -2.05
C ARG B 204 -10.01 28.06 -3.44
N SER B 205 -10.85 27.12 -3.82
CA SER B 205 -10.75 26.44 -5.14
C SER B 205 -12.05 25.70 -5.35
N GLU B 206 -12.17 25.02 -6.49
CA GLU B 206 -13.37 24.20 -6.72
C GLU B 206 -13.33 22.99 -5.78
N ARG B 207 -14.33 22.88 -4.93
CA ARG B 207 -14.30 21.82 -3.90
C ARG B 207 -14.43 20.43 -4.51
N LYS B 208 -15.04 20.33 -5.68
CA LYS B 208 -15.30 19.00 -6.26
C LYS B 208 -14.00 18.28 -6.61
N LYS B 209 -12.95 19.01 -6.93
CA LYS B 209 -11.71 18.36 -7.42
C LYS B 209 -10.77 17.93 -6.29
N TRP B 210 -11.04 18.31 -5.06
CA TRP B 210 -10.20 17.81 -3.94
C TRP B 210 -11.04 17.19 -2.82
N ILE B 211 -12.36 17.21 -2.93
CA ILE B 211 -13.19 16.69 -1.82
C ILE B 211 -13.03 15.19 -1.70
N HIS B 212 -12.64 14.51 -2.78
CA HIS B 212 -12.59 13.03 -2.76
C HIS B 212 -11.46 12.51 -1.89
N CYS B 213 -10.49 13.34 -1.58
CA CYS B 213 -9.35 12.91 -0.76
C CYS B 213 -9.82 12.56 0.66
N PHE B 214 -11.00 13.01 1.05
CA PHE B 214 -11.49 12.80 2.43
C PHE B 214 -12.61 11.76 2.44
N GLU B 215 -12.57 10.82 1.51
CA GLU B 215 -13.63 9.80 1.40
C GLU B 215 -13.74 8.97 2.67
N GLY B 216 -12.65 8.70 3.36
CA GLY B 216 -12.70 7.77 4.48
C GLY B 216 -12.84 8.39 5.85
N VAL B 217 -13.19 9.67 5.93
CA VAL B 217 -13.23 10.33 7.24
C VAL B 217 -14.37 9.74 8.08
N THR B 218 -14.15 9.61 9.37
CA THR B 218 -15.17 9.02 10.25
C THR B 218 -16.41 9.91 10.31
N ALA B 219 -16.21 11.21 10.49
CA ALA B 219 -17.35 12.13 10.59
C ALA B 219 -16.97 13.49 10.01
N ILE B 220 -17.98 14.23 9.59
CA ILE B 220 -17.76 15.60 9.08
C ILE B 220 -18.37 16.56 10.11
N ILE B 221 -17.55 17.47 10.60
CA ILE B 221 -18.04 18.49 11.57
C ILE B 221 -18.42 19.72 10.77
N PHE B 222 -19.71 20.06 10.81
CA PHE B 222 -20.21 21.20 10.04
C PHE B 222 -20.61 22.29 11.02
N CYS B 223 -20.14 23.50 10.76
CA CYS B 223 -20.42 24.63 11.66
C CYS B 223 -21.26 25.68 10.94
N VAL B 224 -22.34 26.10 11.58
CA VAL B 224 -23.22 27.15 11.03
C VAL B 224 -23.44 28.19 12.12
N ALA B 225 -23.54 29.45 11.72
CA ALA B 225 -23.77 30.53 12.70
C ALA B 225 -25.26 30.84 12.79
N LEU B 226 -25.82 30.73 13.98
CA LEU B 226 -27.25 31.06 14.15
C LEU B 226 -27.46 32.57 14.08
N SER B 227 -26.41 33.34 14.31
CA SER B 227 -26.53 34.81 14.33
C SER B 227 -26.45 35.39 12.92
N ASP B 228 -26.32 34.52 11.93
CA ASP B 228 -26.15 34.97 10.52
C ASP B 228 -27.45 34.85 9.72
N TYR B 229 -28.57 34.59 10.38
CA TYR B 229 -29.83 34.37 9.64
C TYR B 229 -30.21 35.65 8.91
N ASP B 230 -29.99 36.81 9.54
CA ASP B 230 -30.41 38.09 8.92
C ASP B 230 -29.26 38.80 8.22
N LEU B 231 -28.02 38.55 8.65
CA LEU B 231 -26.88 39.25 8.06
C LEU B 231 -26.65 38.80 6.62
N VAL B 232 -26.11 39.70 5.81
CA VAL B 232 -25.79 39.33 4.40
C VAL B 232 -24.39 39.83 4.08
N ASN B 240 -29.11 35.98 4.06
CA ASN B 240 -28.63 35.23 2.88
C ASN B 240 -27.48 34.32 3.30
N ARG B 241 -26.85 34.65 4.43
CA ARG B 241 -25.75 33.80 4.93
C ARG B 241 -26.30 32.43 5.31
N MET B 242 -27.45 32.40 5.96
CA MET B 242 -28.02 31.12 6.40
C MET B 242 -28.38 30.29 5.17
N HIS B 243 -28.91 30.93 4.14
CA HIS B 243 -29.23 30.20 2.89
C HIS B 243 -27.95 29.64 2.28
N GLU B 244 -26.87 30.41 2.32
CA GLU B 244 -25.59 29.92 1.76
C GLU B 244 -25.12 28.70 2.56
N SER B 245 -25.25 28.77 3.88
CA SER B 245 -24.82 27.64 4.73
C SER B 245 -25.67 26.41 4.40
N MET B 246 -26.97 26.61 4.20
CA MET B 246 -27.84 25.49 3.84
C MET B 246 -27.41 24.91 2.49
N LYS B 247 -27.02 25.79 1.56
CA LYS B 247 -26.63 25.30 0.23
C LYS B 247 -25.39 24.43 0.37
N LEU B 248 -24.43 24.88 1.16
CA LEU B 248 -23.17 24.11 1.32
C LEU B 248 -23.48 22.78 2.01
N PHE B 249 -24.38 22.81 2.99
CA PHE B 249 -24.73 21.58 3.71
C PHE B 249 -25.38 20.60 2.75
N ASP B 250 -26.25 21.10 1.89
CA ASP B 250 -26.92 20.21 0.90
C ASP B 250 -25.86 19.64 -0.04
N SER B 251 -24.90 20.48 -0.44
CA SER B 251 -23.88 20.04 -1.41
C SER B 251 -23.03 18.92 -0.83
N ILE B 252 -22.61 19.05 0.43
CA ILE B 252 -21.70 18.03 0.99
C ILE B 252 -22.48 16.83 1.52
N CYS B 253 -23.66 17.05 2.08
CA CYS B 253 -24.44 15.95 2.68
C CYS B 253 -24.87 14.94 1.62
N ASN B 254 -25.26 15.41 0.45
CA ASN B 254 -25.80 14.50 -0.59
C ASN B 254 -24.71 14.09 -1.58
N ASN B 255 -23.47 14.47 -1.31
CA ASN B 255 -22.37 14.18 -2.26
C ASN B 255 -22.15 12.68 -2.34
N LYS B 256 -21.68 12.23 -3.48
CA LYS B 256 -21.53 10.77 -3.68
C LYS B 256 -20.35 10.19 -2.91
N TRP B 257 -19.46 11.03 -2.40
CA TRP B 257 -18.29 10.53 -1.63
C TRP B 257 -18.62 10.35 -0.16
N PHE B 258 -19.71 10.92 0.32
CA PHE B 258 -20.04 10.88 1.77
C PHE B 258 -21.43 10.29 1.96
N THR B 259 -21.75 9.23 1.24
CA THR B 259 -23.07 8.57 1.42
C THR B 259 -23.21 8.02 2.83
N ASP B 260 -22.15 7.44 3.38
CA ASP B 260 -22.26 6.78 4.69
C ASP B 260 -21.46 7.50 5.78
N THR B 261 -21.15 8.78 5.59
CA THR B 261 -20.35 9.52 6.56
C THR B 261 -21.26 10.38 7.42
N SER B 262 -21.26 10.13 8.72
CA SER B 262 -22.10 10.90 9.65
C SER B 262 -21.67 12.36 9.64
N ILE B 263 -22.63 13.27 9.73
CA ILE B 263 -22.32 14.72 9.72
C ILE B 263 -22.71 15.31 11.06
N ILE B 264 -21.72 15.73 11.82
CA ILE B 264 -21.99 16.43 13.10
C ILE B 264 -22.18 17.90 12.79
N LEU B 265 -23.30 18.46 13.25
CA LEU B 265 -23.61 19.87 12.94
C LEU B 265 -23.61 20.69 14.21
N PHE B 266 -22.77 21.71 14.24
CA PHE B 266 -22.68 22.61 15.41
C PHE B 266 -23.29 23.95 15.02
N LEU B 267 -24.29 24.38 15.79
CA LEU B 267 -24.88 25.71 15.57
C LEU B 267 -24.25 26.65 16.58
N ASN B 268 -23.40 27.54 16.09
CA ASN B 268 -22.64 28.44 16.98
C ASN B 268 -23.38 29.75 17.22
N LYS B 269 -22.76 30.64 17.97
CA LYS B 269 -23.34 31.98 18.24
C LYS B 269 -24.71 31.87 18.90
N LYS B 270 -24.84 30.97 19.86
CA LYS B 270 -26.13 30.82 20.57
C LYS B 270 -26.47 32.09 21.34
N ASP B 271 -25.50 32.69 22.02
CA ASP B 271 -25.81 33.87 22.85
C ASP B 271 -26.24 35.05 21.98
N LEU B 272 -25.53 35.27 20.89
CA LEU B 272 -25.91 36.35 19.97
C LEU B 272 -27.30 36.08 19.42
N PHE B 273 -27.61 34.82 19.14
CA PHE B 273 -28.94 34.49 18.62
C PHE B 273 -29.99 34.85 19.66
N GLU B 274 -29.68 34.59 20.93
CA GLU B 274 -30.63 34.92 22.00
C GLU B 274 -30.87 36.43 22.02
N GLU B 275 -29.80 37.20 21.91
CA GLU B 275 -29.95 38.66 22.00
C GLU B 275 -30.69 39.19 20.77
N LYS B 276 -30.31 38.75 19.58
CA LYS B 276 -30.88 39.31 18.34
C LYS B 276 -32.33 38.87 18.14
N ILE B 277 -32.65 37.65 18.53
CA ILE B 277 -34.00 37.10 18.20
C ILE B 277 -35.10 37.96 18.79
N LYS B 278 -34.83 38.62 19.91
CA LYS B 278 -35.84 39.48 20.53
C LYS B 278 -36.21 40.64 19.60
N LYS B 279 -35.23 41.21 18.92
CA LYS B 279 -35.55 42.42 18.12
C LYS B 279 -35.86 42.06 16.67
N SER B 280 -34.97 41.34 16.00
CA SER B 280 -35.19 41.07 14.55
C SER B 280 -35.94 39.74 14.42
N PRO B 281 -37.11 39.71 13.76
CA PRO B 281 -37.85 38.48 13.67
C PRO B 281 -37.17 37.47 12.74
N LEU B 282 -37.42 36.19 12.98
CA LEU B 282 -36.83 35.13 12.12
C LEU B 282 -37.53 35.09 10.77
N THR B 283 -38.61 35.85 10.62
CA THR B 283 -39.35 35.86 9.33
C THR B 283 -38.46 36.36 8.20
N ILE B 284 -37.47 37.19 8.51
CA ILE B 284 -36.66 37.80 7.43
C ILE B 284 -35.97 36.70 6.62
N CYS B 285 -35.45 35.67 7.28
CA CYS B 285 -34.68 34.65 6.53
C CYS B 285 -35.61 33.63 5.90
N TYR B 286 -36.62 33.18 6.64
CA TYR B 286 -37.55 32.16 6.10
C TYR B 286 -38.95 32.77 6.02
N PRO B 287 -39.46 33.06 4.83
CA PRO B 287 -40.82 33.58 4.72
C PRO B 287 -41.88 32.62 5.25
N GLU B 288 -41.68 31.32 5.09
CA GLU B 288 -42.73 30.34 5.44
C GLU B 288 -42.87 30.14 6.94
N TYR B 289 -41.96 30.69 7.74
CA TYR B 289 -42.03 30.40 9.20
C TYR B 289 -43.27 31.02 9.80
N ALA B 290 -43.99 30.24 10.60
CA ALA B 290 -45.18 30.75 11.33
C ALA B 290 -45.07 30.35 12.80
N GLY B 291 -44.28 31.10 13.57
CA GLY B 291 -44.07 30.69 14.96
C GLY B 291 -43.69 31.86 15.84
N SER B 292 -43.82 31.65 17.14
CA SER B 292 -43.48 32.70 18.12
C SER B 292 -42.00 33.02 18.03
N ASN B 293 -41.67 34.30 18.21
CA ASN B 293 -40.27 34.75 18.15
C ASN B 293 -39.62 34.44 19.50
N THR B 294 -39.51 33.15 19.80
CA THR B 294 -38.91 32.72 21.07
C THR B 294 -37.73 31.81 20.76
N TYR B 295 -36.81 31.71 21.72
CA TYR B 295 -35.58 30.94 21.44
C TYR B 295 -35.84 29.47 21.17
N GLU B 296 -36.66 28.83 21.99
CA GLU B 296 -36.81 27.37 21.82
C GLU B 296 -37.41 27.04 20.46
N GLU B 297 -38.47 27.75 20.08
CA GLU B 297 -39.14 27.39 18.82
C GLU B 297 -38.22 27.71 17.65
N ALA B 298 -37.56 28.87 17.70
CA ALA B 298 -36.72 29.27 16.56
C ALA B 298 -35.56 28.28 16.39
N ALA B 299 -34.94 27.91 17.51
CA ALA B 299 -33.79 27.00 17.43
C ALA B 299 -34.26 25.65 16.89
N ALA B 300 -35.41 25.18 17.39
CA ALA B 300 -35.90 23.86 16.96
C ALA B 300 -36.19 23.94 15.46
N TYR B 301 -36.77 25.04 15.02
CA TYR B 301 -37.15 25.13 13.59
C TYR B 301 -35.90 25.12 12.73
N ILE B 302 -34.88 25.85 13.14
CA ILE B 302 -33.65 25.93 12.31
C ILE B 302 -32.99 24.55 12.27
N GLN B 303 -32.97 23.86 13.41
CA GLN B 303 -32.35 22.53 13.45
C GLN B 303 -33.14 21.59 12.54
N CYS B 304 -34.45 21.68 12.59
CA CYS B 304 -35.30 20.79 11.76
C CYS B 304 -35.04 21.10 10.29
N GLN B 305 -34.88 22.38 9.97
CA GLN B 305 -34.66 22.75 8.56
C GLN B 305 -33.35 22.15 8.08
N PHE B 306 -32.31 22.26 8.89
CA PHE B 306 -31.00 21.73 8.46
C PHE B 306 -31.03 20.22 8.37
N GLU B 307 -31.67 19.57 9.33
CA GLU B 307 -31.65 18.09 9.38
C GLU B 307 -32.49 17.48 8.28
N ASP B 308 -33.28 18.28 7.57
CA ASP B 308 -34.21 17.76 6.53
C ASP B 308 -33.53 17.65 5.16
N LEU B 309 -32.33 18.19 5.02
CA LEU B 309 -31.63 18.17 3.72
C LEU B 309 -31.21 16.76 3.32
N ASN B 310 -30.83 15.92 4.27
CA ASN B 310 -30.26 14.61 3.90
C ASN B 310 -31.31 13.76 3.20
N LYS B 311 -31.15 13.58 1.89
CA LYS B 311 -32.11 12.75 1.13
C LYS B 311 -32.02 11.30 1.62
N ARG B 312 -30.81 10.84 1.91
CA ARG B 312 -30.62 9.45 2.39
C ARG B 312 -30.70 9.47 3.91
N LYS B 313 -31.85 9.05 4.46
CA LYS B 313 -32.05 9.14 5.92
C LYS B 313 -31.77 7.81 6.63
N ASP B 314 -31.30 6.81 5.90
CA ASP B 314 -31.12 5.47 6.52
C ASP B 314 -29.65 5.19 6.86
N THR B 315 -28.73 5.53 5.97
CA THR B 315 -27.31 5.19 6.17
C THR B 315 -26.53 6.33 6.80
N LYS B 316 -27.19 7.45 7.08
CA LYS B 316 -26.48 8.63 7.61
C LYS B 316 -27.26 9.18 8.80
N GLU B 317 -26.54 9.56 9.85
CA GLU B 317 -27.21 10.22 10.99
C GLU B 317 -26.60 11.60 11.19
N ILE B 318 -27.44 12.63 11.21
CA ILE B 318 -26.95 14.01 11.42
C ILE B 318 -27.12 14.36 12.88
N TYR B 319 -26.05 14.25 13.65
CA TYR B 319 -26.12 14.66 15.06
C TYR B 319 -26.09 16.17 15.14
N THR B 320 -26.93 16.73 16.01
CA THR B 320 -27.00 18.19 16.14
C THR B 320 -26.73 18.60 17.58
N HIS B 321 -26.01 19.71 17.74
CA HIS B 321 -25.71 20.22 19.08
C HIS B 321 -25.56 21.72 19.01
N PHE B 322 -25.96 22.40 20.09
CA PHE B 322 -25.79 23.87 20.15
C PHE B 322 -24.56 24.15 20.99
N THR B 323 -23.62 24.88 20.42
CA THR B 323 -22.32 25.06 21.09
C THR B 323 -22.45 25.76 22.43
N CYS B 324 -21.71 25.25 23.41
CA CYS B 324 -21.74 25.81 24.78
C CYS B 324 -20.39 26.48 25.07
N SER B 325 -20.39 27.45 25.97
CA SER B 325 -19.15 28.21 26.23
C SER B 325 -18.09 27.27 26.78
N THR B 326 -18.52 26.21 27.47
CA THR B 326 -17.56 25.23 28.01
C THR B 326 -16.98 24.36 26.90
N ASP B 327 -15.68 24.15 26.93
CA ASP B 327 -15.05 23.23 25.95
C ASP B 327 -15.48 21.79 26.24
N THR B 328 -15.77 21.48 27.50
CA THR B 328 -16.06 20.08 27.88
C THR B 328 -17.29 19.57 27.13
N LYS B 329 -18.34 20.39 27.04
CA LYS B 329 -19.57 19.89 26.42
C LYS B 329 -19.32 19.57 24.95
N ASN B 330 -18.61 20.44 24.26
CA ASN B 330 -18.40 20.23 22.81
C ASN B 330 -17.54 18.99 22.59
N VAL B 331 -16.48 18.86 23.37
CA VAL B 331 -15.57 17.71 23.15
C VAL B 331 -16.32 16.42 23.49
N GLN B 332 -17.12 16.45 24.54
CA GLN B 332 -17.85 15.24 24.96
C GLN B 332 -18.85 14.85 23.89
N PHE B 333 -19.51 15.84 23.30
CA PHE B 333 -20.50 15.53 22.25
C PHE B 333 -19.80 14.91 21.05
N VAL B 334 -18.65 15.45 20.68
CA VAL B 334 -17.91 14.91 19.52
C VAL B 334 -17.48 13.48 19.84
N PHE B 335 -17.05 13.26 21.07
CA PHE B 335 -16.60 11.91 21.46
C PHE B 335 -17.76 10.92 21.41
N ASP B 336 -18.93 11.34 21.89
CA ASP B 336 -20.09 10.44 21.85
C ASP B 336 -20.45 10.11 20.40
N ALA B 337 -20.46 11.12 19.54
CA ALA B 337 -20.84 10.88 18.15
C ALA B 337 -19.83 9.96 17.47
N VAL B 338 -18.55 10.21 17.67
CA VAL B 338 -17.54 9.38 16.96
C VAL B 338 -17.58 7.95 17.50
N THR B 339 -17.79 7.77 18.80
CA THR B 339 -17.90 6.40 19.35
C THR B 339 -19.10 5.70 18.73
N ASP B 340 -20.20 6.41 18.57
CA ASP B 340 -21.40 5.79 17.94
C ASP B 340 -21.08 5.41 16.49
N VAL B 341 -20.40 6.28 15.77
CA VAL B 341 -20.03 5.95 14.36
C VAL B 341 -19.09 4.76 14.34
N ILE B 342 -18.17 4.68 15.29
CA ILE B 342 -17.22 3.55 15.33
C ILE B 342 -17.99 2.25 15.57
N ILE B 343 -18.94 2.28 16.49
CA ILE B 343 -19.73 1.07 16.78
C ILE B 343 -20.52 0.70 15.55
N LYS B 344 -21.10 1.67 14.88
CA LYS B 344 -21.93 1.37 13.70
C LYS B 344 -21.07 0.77 12.60
N ASN B 345 -19.88 1.29 12.40
CA ASN B 345 -18.98 0.76 11.37
C ASN B 345 -18.58 -0.68 11.72
N ASN B 346 -18.26 -0.91 12.98
CA ASN B 346 -17.83 -2.27 13.40
C ASN B 346 -18.98 -3.25 13.19
N LEU B 347 -20.19 -2.85 13.52
CA LEU B 347 -21.34 -3.73 13.31
C LEU B 347 -21.55 -3.96 11.82
N LYS B 348 -21.35 -2.92 11.02
CA LYS B 348 -21.61 -3.05 9.57
C LYS B 348 -20.63 -4.03 8.95
N ASP B 349 -19.38 -3.99 9.37
CA ASP B 349 -18.38 -4.93 8.84
C ASP B 349 -18.70 -6.36 9.25
N CYS B 350 -19.22 -6.55 10.46
CA CYS B 350 -19.46 -7.90 11.00
C CYS B 350 -20.79 -8.49 10.55
N GLY B 351 -21.57 -7.75 9.77
CA GLY B 351 -22.81 -8.28 9.19
C GLY B 351 -24.08 -7.96 9.96
N LEU B 352 -23.98 -7.54 11.22
CA LEU B 352 -25.21 -7.34 12.02
C LEU B 352 -26.08 -6.25 11.40
N PHE B 353 -25.49 -5.29 10.70
CA PHE B 353 -26.27 -4.24 10.01
C PHE B 353 -26.34 -4.53 8.51
N ASP C 18 -16.41 48.95 -22.18
CA ASP C 18 -17.44 48.00 -22.67
C ASP C 18 -17.15 47.66 -24.13
N GLN C 19 -16.52 48.59 -24.84
CA GLN C 19 -16.22 48.39 -26.27
C GLN C 19 -15.27 47.20 -26.44
N LEU C 20 -14.44 46.95 -25.44
CA LEU C 20 -13.48 45.83 -25.51
C LEU C 20 -14.22 44.51 -25.59
N ARG C 21 -15.36 44.38 -24.91
CA ARG C 21 -16.03 43.06 -24.87
C ARG C 21 -16.44 42.62 -26.28
N GLN C 22 -17.06 43.50 -27.05
CA GLN C 22 -17.51 43.05 -28.39
C GLN C 22 -16.31 42.89 -29.31
N GLU C 23 -15.31 43.74 -29.16
CA GLU C 23 -14.13 43.66 -30.05
C GLU C 23 -13.43 42.32 -29.83
N ALA C 24 -13.34 41.91 -28.57
CA ALA C 24 -12.73 40.60 -28.27
C ALA C 24 -13.58 39.49 -28.88
N GLU C 25 -14.89 39.66 -28.86
CA GLU C 25 -15.78 38.63 -29.43
C GLU C 25 -15.48 38.49 -30.93
N GLN C 26 -15.24 39.60 -31.60
CA GLN C 26 -14.92 39.53 -33.04
C GLN C 26 -13.61 38.77 -33.22
N LEU C 27 -12.64 39.02 -32.34
CA LEU C 27 -11.34 38.35 -32.49
C LEU C 27 -11.53 36.86 -32.30
N LYS C 28 -12.40 36.47 -31.36
CA LYS C 28 -12.67 35.03 -31.18
C LYS C 28 -13.28 34.46 -32.45
N ASN C 29 -14.17 35.22 -33.08
CA ASN C 29 -14.75 34.77 -34.36
C ASN C 29 -13.63 34.70 -35.39
N GLN C 30 -12.73 35.67 -35.36
CA GLN C 30 -11.65 35.71 -36.37
C GLN C 30 -10.79 34.47 -36.23
N ILE C 31 -10.55 34.06 -35.00
CA ILE C 31 -9.72 32.85 -34.78
C ILE C 31 -10.45 31.66 -35.39
N ARG C 32 -11.75 31.57 -35.14
CA ARG C 32 -12.49 30.39 -35.64
C ARG C 32 -12.46 30.36 -37.17
N ASP C 33 -12.68 31.51 -37.79
CA ASP C 33 -12.72 31.53 -39.27
C ASP C 33 -11.32 31.24 -39.82
N ALA C 34 -10.31 31.87 -39.25
CA ALA C 34 -8.94 31.68 -39.78
C ALA C 34 -8.47 30.24 -39.62
N ARG C 35 -9.08 29.53 -38.68
CA ARG C 35 -8.71 28.12 -38.39
C ARG C 35 -9.69 27.16 -39.06
N LYS C 36 -10.90 27.61 -39.35
CA LYS C 36 -11.85 26.76 -40.09
C LYS C 36 -11.27 26.59 -41.48
N ALA C 37 -10.56 27.60 -41.97
CA ALA C 37 -10.04 27.56 -43.36
C ALA C 37 -9.04 26.42 -43.54
N CYS C 38 -8.19 26.19 -42.56
CA CYS C 38 -7.12 25.19 -42.76
C CYS C 38 -7.64 23.77 -42.57
N ALA C 39 -8.87 23.61 -42.10
CA ALA C 39 -9.39 22.26 -41.80
C ALA C 39 -9.90 21.65 -43.11
N ASP C 40 -8.96 21.31 -43.98
CA ASP C 40 -9.35 20.74 -45.28
C ASP C 40 -9.97 19.36 -45.10
N ALA C 41 -9.37 18.54 -44.26
CA ALA C 41 -9.86 17.16 -44.06
C ALA C 41 -9.55 16.73 -42.64
N THR C 42 -10.27 15.73 -42.18
CA THR C 42 -10.00 15.17 -40.84
C THR C 42 -9.00 14.03 -40.96
N LEU C 43 -8.31 13.74 -39.86
CA LEU C 43 -7.25 12.70 -39.92
C LEU C 43 -7.88 11.31 -40.07
N SER C 44 -9.17 11.20 -39.80
CA SER C 44 -9.86 9.89 -39.97
C SER C 44 -9.77 9.47 -41.44
N GLN C 45 -9.96 10.43 -42.35
CA GLN C 45 -9.82 10.12 -43.80
C GLN C 45 -8.37 9.83 -44.15
N ILE C 46 -7.44 10.57 -43.57
CA ILE C 46 -6.01 10.44 -43.98
C ILE C 46 -5.50 9.03 -43.67
N THR C 47 -5.93 8.46 -42.55
CA THR C 47 -5.42 7.13 -42.13
C THR C 47 -6.49 6.05 -42.31
N ASN C 48 -7.42 6.26 -43.24
CA ASN C 48 -8.42 5.20 -43.49
C ASN C 48 -7.77 3.97 -44.14
N ASN C 49 -6.55 4.12 -44.65
CA ASN C 49 -5.91 3.01 -45.39
C ASN C 49 -4.84 2.28 -44.58
N ILE C 50 -4.53 2.76 -43.38
CA ILE C 50 -3.43 2.11 -42.63
C ILE C 50 -3.93 0.81 -42.01
N ASP C 51 -3.01 -0.09 -41.72
CA ASP C 51 -3.42 -1.37 -41.12
C ASP C 51 -3.85 -1.13 -39.68
N PRO C 52 -4.99 -1.70 -39.24
CA PRO C 52 -5.37 -1.56 -37.85
C PRO C 52 -4.51 -2.42 -36.93
N VAL C 53 -4.01 -1.83 -35.85
CA VAL C 53 -3.29 -2.64 -34.83
C VAL C 53 -4.35 -3.06 -33.82
N GLY C 54 -5.07 -4.12 -34.17
CA GLY C 54 -6.24 -4.48 -33.35
C GLY C 54 -6.05 -5.63 -32.38
N ARG C 55 -4.82 -6.10 -32.20
CA ARG C 55 -4.59 -7.16 -31.19
C ARG C 55 -3.57 -6.64 -30.19
N ILE C 56 -4.05 -5.97 -29.14
CA ILE C 56 -3.12 -5.52 -28.09
C ILE C 56 -3.59 -6.15 -26.79
N GLN C 57 -2.99 -7.27 -26.43
CA GLN C 57 -3.34 -7.94 -25.16
C GLN C 57 -2.14 -7.75 -24.24
N MET C 58 -2.38 -7.12 -23.11
CA MET C 58 -1.29 -6.85 -22.16
C MET C 58 -1.60 -7.60 -20.87
N ARG C 59 -0.61 -8.28 -20.34
CA ARG C 59 -0.81 -9.06 -19.11
C ARG C 59 -0.04 -8.43 -17.97
N THR C 60 -0.59 -8.51 -16.77
CA THR C 60 0.12 -7.99 -15.60
C THR C 60 1.42 -8.78 -15.43
N ARG C 61 2.52 -8.07 -15.18
CA ARG C 61 3.83 -8.73 -15.05
C ARG C 61 4.34 -8.63 -13.63
N ARG C 62 4.24 -7.45 -13.03
CA ARG C 62 4.62 -7.27 -11.62
C ARG C 62 3.47 -6.59 -10.90
N THR C 63 3.35 -6.85 -9.62
CA THR C 63 2.29 -6.20 -8.81
C THR C 63 2.97 -5.53 -7.62
N LEU C 64 3.36 -4.27 -7.79
CA LEU C 64 3.99 -3.55 -6.69
C LEU C 64 2.99 -3.47 -5.54
N ARG C 65 3.42 -3.83 -4.36
CA ARG C 65 2.49 -3.90 -3.22
C ARG C 65 3.14 -3.25 -2.00
N GLY C 66 2.34 -2.59 -1.20
CA GLY C 66 2.89 -2.04 0.05
C GLY C 66 2.26 -0.72 0.47
N HIS C 67 1.53 -0.07 -0.41
CA HIS C 67 0.81 1.15 0.01
C HIS C 67 -0.40 0.76 0.83
N LEU C 68 -0.82 1.64 1.73
CA LEU C 68 -1.96 1.33 2.61
C LEU C 68 -3.14 2.28 2.39
N ALA C 69 -3.09 3.10 1.35
CA ALA C 69 -4.20 4.01 1.06
C ALA C 69 -4.21 4.30 -0.43
N LYS C 70 -5.05 5.23 -0.85
CA LYS C 70 -5.19 5.50 -2.29
C LYS C 70 -3.89 6.03 -2.89
N ILE C 71 -3.68 5.74 -4.16
CA ILE C 71 -2.49 6.25 -4.89
C ILE C 71 -2.94 7.31 -5.88
N TYR C 72 -2.29 8.47 -5.86
CA TYR C 72 -2.72 9.57 -6.76
C TYR C 72 -1.68 9.92 -7.83
N ALA C 73 -0.42 9.57 -7.66
CA ALA C 73 0.53 9.86 -8.74
C ALA C 73 1.67 8.86 -8.79
N MET C 74 2.16 8.61 -9.99
CA MET C 74 3.37 7.78 -10.15
C MET C 74 4.16 8.39 -11.32
N HIS C 75 5.48 8.35 -11.22
CA HIS C 75 6.33 8.84 -12.32
C HIS C 75 7.49 7.89 -12.51
N TRP C 76 7.83 7.63 -13.77
CA TRP C 76 8.94 6.73 -14.09
C TRP C 76 10.25 7.47 -14.14
N GLY C 77 11.34 6.78 -13.86
CA GLY C 77 12.65 7.38 -14.02
C GLY C 77 13.12 7.39 -15.46
N THR C 78 14.13 8.20 -15.73
CA THR C 78 14.69 8.22 -17.11
C THR C 78 15.34 6.90 -17.44
N ASP C 79 15.81 6.18 -16.42
CA ASP C 79 16.49 4.88 -16.62
C ASP C 79 15.49 3.79 -17.00
N SER C 80 14.20 4.06 -16.84
CA SER C 80 13.13 3.11 -17.21
C SER C 80 13.08 1.92 -16.26
N ARG C 81 13.65 2.04 -15.07
CA ARG C 81 13.56 0.97 -14.07
C ARG C 81 12.96 1.48 -12.77
N LEU C 82 13.45 2.59 -12.25
CA LEU C 82 12.95 3.10 -10.96
C LEU C 82 11.68 3.90 -11.16
N LEU C 83 10.71 3.70 -10.27
CA LEU C 83 9.47 4.50 -10.30
C LEU C 83 9.12 4.96 -8.90
N VAL C 84 8.53 6.15 -8.81
CA VAL C 84 8.11 6.70 -7.51
C VAL C 84 6.59 6.80 -7.48
N SER C 85 5.99 6.38 -6.38
CA SER C 85 4.52 6.42 -6.22
C SER C 85 4.16 7.16 -4.94
N ALA C 86 3.18 8.05 -5.03
CA ALA C 86 2.70 8.82 -3.87
C ALA C 86 1.34 8.30 -3.43
N SER C 87 1.10 8.35 -2.13
CA SER C 87 -0.17 7.84 -1.57
C SER C 87 -0.60 8.68 -0.40
N GLN C 88 -1.87 8.56 -0.03
CA GLN C 88 -2.43 9.41 1.04
C GLN C 88 -1.98 8.96 2.43
N ASP C 89 -1.20 7.89 2.52
CA ASP C 89 -0.68 7.46 3.84
C ASP C 89 0.54 8.28 4.25
N GLY C 90 0.95 9.23 3.42
CA GLY C 90 2.11 10.06 3.77
C GLY C 90 3.44 9.42 3.46
N LYS C 91 3.47 8.55 2.46
CA LYS C 91 4.71 7.85 2.10
C LYS C 91 5.02 8.00 0.62
N LEU C 92 6.30 8.19 0.31
CA LEU C 92 6.76 8.19 -1.09
C LEU C 92 7.67 6.97 -1.22
N ILE C 93 7.32 6.06 -2.13
CA ILE C 93 8.11 4.84 -2.30
C ILE C 93 8.79 4.84 -3.67
N ILE C 94 10.08 4.58 -3.69
CA ILE C 94 10.80 4.42 -4.97
C ILE C 94 10.89 2.93 -5.21
N TRP C 95 10.31 2.46 -6.30
CA TRP C 95 10.23 1.02 -6.54
C TRP C 95 11.20 0.58 -7.61
N ASP C 96 11.81 -0.58 -7.42
CA ASP C 96 12.63 -1.19 -8.48
C ASP C 96 11.64 -2.07 -9.26
N SER C 97 11.30 -1.65 -10.46
CA SER C 97 10.27 -2.38 -11.23
C SER C 97 10.73 -3.79 -11.57
N TYR C 98 12.01 -3.97 -11.87
CA TYR C 98 12.50 -5.29 -12.31
C TYR C 98 12.34 -6.34 -11.23
N THR C 99 12.64 -6.00 -9.97
CA THR C 99 12.63 -7.01 -8.89
C THR C 99 11.55 -6.77 -7.84
N THR C 100 10.72 -5.75 -7.98
CA THR C 100 9.60 -5.46 -7.06
C THR C 100 10.10 -4.93 -5.72
N ASN C 101 11.39 -4.67 -5.61
CA ASN C 101 11.99 -4.23 -4.34
C ASN C 101 11.68 -2.77 -4.08
N LYS C 102 11.86 -2.36 -2.82
CA LYS C 102 11.69 -0.94 -2.46
C LYS C 102 13.06 -0.34 -2.19
N VAL C 103 13.37 0.74 -2.89
CA VAL C 103 14.68 1.41 -2.73
C VAL C 103 14.64 2.43 -1.59
N HIS C 104 13.55 3.17 -1.46
CA HIS C 104 13.43 4.14 -0.36
C HIS C 104 11.98 4.31 0.05
N ALA C 105 11.77 4.73 1.29
CA ALA C 105 10.42 5.06 1.77
C ALA C 105 10.54 6.43 2.43
N ILE C 106 9.97 7.45 1.80
CA ILE C 106 10.10 8.84 2.30
C ILE C 106 8.83 9.18 3.07
N PRO C 107 8.91 9.52 4.36
CA PRO C 107 7.72 9.90 5.08
C PRO C 107 7.41 11.40 4.89
N LEU C 108 6.29 11.70 4.27
CA LEU C 108 5.98 13.10 3.96
C LEU C 108 5.49 13.84 5.21
N ARG C 109 5.69 15.15 5.24
CA ARG C 109 5.13 15.95 6.34
C ARG C 109 3.61 16.04 6.19
N SER C 110 3.14 16.25 4.95
CA SER C 110 1.69 16.39 4.71
C SER C 110 1.20 15.10 4.05
N SER C 111 0.22 14.45 4.66
CA SER C 111 -0.28 13.18 4.11
C SER C 111 -1.05 13.40 2.82
N TRP C 112 -1.47 14.63 2.55
CA TRP C 112 -2.30 14.92 1.36
C TRP C 112 -1.40 15.24 0.19
N VAL C 113 -1.10 14.22 -0.60
CA VAL C 113 -0.21 14.38 -1.77
C VAL C 113 -1.02 14.07 -3.02
N MET C 114 -0.90 14.93 -4.02
CA MET C 114 -1.70 14.77 -5.24
C MET C 114 -0.84 14.73 -6.49
N THR C 115 0.47 14.86 -6.35
CA THR C 115 1.37 14.71 -7.51
C THR C 115 2.75 14.31 -7.03
N CYS C 116 3.50 13.66 -7.92
CA CYS C 116 4.89 13.29 -7.61
C CYS C 116 5.69 13.36 -8.89
N ALA C 117 6.93 13.80 -8.80
CA ALA C 117 7.79 13.90 -9.98
C ALA C 117 9.16 13.32 -9.62
N TYR C 118 9.79 12.72 -10.62
CA TYR C 118 11.12 12.11 -10.40
C TYR C 118 12.07 12.84 -11.33
N ALA C 119 13.10 13.45 -10.77
CA ALA C 119 13.99 14.30 -11.58
C ALA C 119 14.67 13.49 -12.66
N PRO C 120 14.94 14.07 -13.84
CA PRO C 120 15.53 13.29 -14.91
C PRO C 120 16.88 12.69 -14.51
N SER C 121 17.68 13.46 -13.78
CA SER C 121 18.99 12.97 -13.30
C SER C 121 18.84 11.83 -12.30
N GLY C 122 17.70 11.77 -11.61
CA GLY C 122 17.50 10.74 -10.59
C GLY C 122 17.92 11.17 -9.20
N ASN C 123 18.57 12.32 -9.07
CA ASN C 123 18.98 12.82 -7.75
C ASN C 123 17.79 13.23 -6.90
N TYR C 124 16.76 13.83 -7.49
CA TYR C 124 15.68 14.39 -6.66
C TYR C 124 14.30 13.87 -7.04
N VAL C 125 13.38 13.97 -6.08
CA VAL C 125 11.94 13.67 -6.31
C VAL C 125 11.17 14.86 -5.79
N ALA C 126 9.96 15.04 -6.32
CA ALA C 126 9.08 16.13 -5.88
C ALA C 126 7.72 15.59 -5.47
N CYS C 127 7.09 16.26 -4.52
CA CYS C 127 5.72 15.89 -4.12
C CYS C 127 4.96 17.16 -3.76
N GLY C 128 3.65 17.11 -3.89
CA GLY C 128 2.82 18.27 -3.57
C GLY C 128 1.39 17.86 -3.29
N GLY C 129 0.63 18.79 -2.75
CA GLY C 129 -0.79 18.53 -2.53
C GLY C 129 -1.55 19.66 -1.89
N LEU C 130 -2.43 19.34 -0.94
CA LEU C 130 -3.32 20.36 -0.35
C LEU C 130 -2.56 21.29 0.59
N ASP C 131 -1.33 20.98 0.94
CA ASP C 131 -0.52 21.86 1.82
C ASP C 131 -0.09 23.12 1.07
N ASN C 132 -0.17 23.11 -0.26
CA ASN C 132 0.21 24.25 -1.11
C ASN C 132 1.73 24.38 -1.23
N ILE C 133 2.47 23.36 -0.83
CA ILE C 133 3.95 23.44 -0.84
C ILE C 133 4.50 22.28 -1.66
N CYS C 134 5.40 22.59 -2.58
CA CYS C 134 6.10 21.52 -3.33
C CYS C 134 7.40 21.20 -2.61
N SER C 135 7.54 19.97 -2.14
CA SER C 135 8.75 19.55 -1.41
C SER C 135 9.71 18.86 -2.37
N ILE C 136 10.98 19.26 -2.33
CA ILE C 136 12.03 18.61 -3.16
C ILE C 136 12.88 17.76 -2.22
N TYR C 137 13.03 16.49 -2.55
CA TYR C 137 13.80 15.56 -1.69
C TYR C 137 15.10 15.18 -2.36
N ASN C 138 16.17 15.07 -1.58
CA ASN C 138 17.50 14.72 -2.10
C ASN C 138 17.72 13.23 -1.91
N LEU C 139 17.62 12.47 -2.99
CA LEU C 139 17.76 11.00 -2.87
C LEU C 139 19.21 10.61 -2.57
N LYS C 140 20.17 11.21 -3.26
CA LYS C 140 21.59 10.80 -3.10
C LYS C 140 22.31 11.76 -2.17
N THR C 141 22.57 11.29 -0.95
CA THR C 141 23.26 12.13 0.06
C THR C 141 24.36 11.31 0.72
N ARG C 142 25.25 11.97 1.44
CA ARG C 142 26.31 11.22 2.15
C ARG C 142 25.67 10.32 3.21
N GLU C 143 24.66 10.84 3.90
CA GLU C 143 23.93 10.01 4.87
C GLU C 143 23.00 9.08 4.12
N GLY C 144 22.54 8.03 4.79
CA GLY C 144 21.74 7.03 4.08
C GLY C 144 20.29 7.41 3.89
N ASN C 145 19.83 8.37 4.65
CA ASN C 145 18.39 8.72 4.60
C ASN C 145 18.13 9.71 3.48
N VAL C 146 16.85 9.85 3.13
CA VAL C 146 16.46 10.86 2.13
C VAL C 146 16.02 12.10 2.88
N ARG C 147 16.54 13.25 2.49
CA ARG C 147 16.22 14.51 3.19
C ARG C 147 15.50 15.46 2.26
N VAL C 148 14.86 16.46 2.85
CA VAL C 148 14.17 17.49 2.04
C VAL C 148 15.14 18.64 1.81
N SER C 149 15.28 19.04 0.55
CA SER C 149 16.26 20.09 0.23
C SER C 149 15.62 21.48 0.32
N ARG C 150 14.50 21.66 -0.35
CA ARG C 150 13.80 22.95 -0.34
C ARG C 150 12.31 22.71 -0.19
N GLU C 151 11.63 23.60 0.53
CA GLU C 151 10.16 23.53 0.63
C GLU C 151 9.63 24.75 -0.11
N LEU C 152 9.23 24.54 -1.34
CA LEU C 152 8.77 25.66 -2.18
C LEU C 152 7.41 26.16 -1.69
N ALA C 153 7.27 27.47 -1.55
CA ALA C 153 5.97 28.04 -1.13
C ALA C 153 5.66 29.26 -1.99
N GLY C 154 4.39 29.63 -2.04
CA GLY C 154 4.02 30.75 -2.92
C GLY C 154 2.73 30.52 -3.69
N HIS C 155 2.16 29.33 -3.62
CA HIS C 155 0.86 29.08 -4.28
C HIS C 155 -0.26 29.16 -3.24
N THR C 156 -1.28 29.94 -3.54
CA THR C 156 -2.46 29.99 -2.66
C THR C 156 -3.26 28.70 -2.75
N GLY C 157 -3.39 28.16 -3.94
CA GLY C 157 -4.22 26.96 -4.17
C GLY C 157 -3.48 25.68 -3.93
N TYR C 158 -4.14 24.57 -4.24
CA TYR C 158 -3.53 23.25 -4.09
C TYR C 158 -2.74 22.89 -5.34
N LEU C 159 -1.69 22.11 -5.14
CA LEU C 159 -0.83 21.69 -6.27
C LEU C 159 -1.41 20.47 -6.96
N SER C 160 -1.50 20.53 -8.29
CA SER C 160 -2.09 19.42 -9.06
C SER C 160 -1.03 18.58 -9.75
N CYS C 161 0.00 19.20 -10.29
CA CYS C 161 1.05 18.46 -10.99
C CYS C 161 2.36 19.24 -10.91
N CYS C 162 3.47 18.51 -10.71
CA CYS C 162 4.81 19.11 -10.69
C CYS C 162 5.70 18.30 -11.62
N ARG C 163 6.46 18.98 -12.45
CA ARG C 163 7.37 18.30 -13.40
C ARG C 163 8.72 19.01 -13.42
N PHE C 164 9.78 18.24 -13.56
CA PHE C 164 11.14 18.79 -13.50
C PHE C 164 11.63 19.13 -14.89
N LEU C 165 12.00 20.39 -15.12
CA LEU C 165 12.61 20.76 -16.42
C LEU C 165 14.03 20.21 -16.48
N ASP C 166 14.74 20.31 -15.37
CA ASP C 166 16.15 19.87 -15.29
C ASP C 166 16.47 19.73 -13.81
N ASP C 167 17.73 19.58 -13.49
CA ASP C 167 18.11 19.31 -12.09
C ASP C 167 17.79 20.50 -11.19
N ASN C 168 17.74 21.70 -11.74
CA ASN C 168 17.58 22.91 -10.89
C ASN C 168 16.24 23.62 -11.06
N GLN C 169 15.51 23.39 -12.13
CA GLN C 169 14.25 24.09 -12.38
C GLN C 169 13.06 23.15 -12.36
N ILE C 170 12.02 23.51 -11.61
CA ILE C 170 10.77 22.72 -11.55
C ILE C 170 9.60 23.60 -11.93
N VAL C 171 8.69 23.09 -12.79
CA VAL C 171 7.45 23.84 -13.17
C VAL C 171 6.30 23.21 -12.40
N THR C 172 5.39 24.01 -11.84
CA THR C 172 4.30 23.48 -10.99
C THR C 172 2.96 24.11 -11.33
N SER C 173 1.86 23.36 -11.24
CA SER C 173 0.51 23.93 -11.46
C SER C 173 -0.27 23.94 -10.16
N SER C 174 -0.96 25.02 -9.89
CA SER C 174 -1.76 25.09 -8.64
C SER C 174 -3.24 25.16 -8.96
N GLY C 175 -4.06 25.22 -7.91
CA GLY C 175 -5.51 25.31 -8.07
C GLY C 175 -6.03 26.72 -8.08
N ASP C 176 -5.14 27.70 -8.14
CA ASP C 176 -5.53 29.12 -8.15
C ASP C 176 -5.41 29.71 -9.55
N THR C 177 -5.52 28.89 -10.57
CA THR C 177 -5.55 29.31 -12.00
C THR C 177 -4.19 29.68 -12.53
N THR C 178 -3.12 29.47 -11.75
CA THR C 178 -1.79 29.92 -12.18
C THR C 178 -0.78 28.79 -12.13
N CYS C 179 -0.03 28.63 -13.22
CA CYS C 179 1.08 27.65 -13.26
C CYS C 179 2.37 28.43 -13.10
N ALA C 180 3.32 27.88 -12.36
CA ALA C 180 4.54 28.62 -12.03
C ALA C 180 5.79 27.80 -12.28
N LEU C 181 6.90 28.51 -12.47
CA LEU C 181 8.21 27.87 -12.65
C LEU C 181 9.10 28.32 -11.51
N TRP C 182 9.82 27.38 -10.92
CA TRP C 182 10.60 27.70 -9.71
C TRP C 182 12.07 27.40 -9.89
N ASP C 183 12.90 28.20 -9.22
CA ASP C 183 14.35 27.91 -9.16
C ASP C 183 14.57 27.21 -7.82
N ILE C 184 15.01 25.97 -7.86
CA ILE C 184 15.10 25.18 -6.62
C ILE C 184 16.12 25.77 -5.66
N GLU C 185 17.28 26.20 -6.16
CA GLU C 185 18.34 26.67 -5.24
C GLU C 185 17.91 27.92 -4.49
N THR C 186 17.41 28.92 -5.22
CA THR C 186 16.98 30.17 -4.57
C THR C 186 15.72 29.95 -3.75
N GLY C 187 14.83 29.11 -4.25
CA GLY C 187 13.53 28.90 -3.57
C GLY C 187 12.50 29.94 -3.95
N GLN C 188 12.77 30.73 -4.98
CA GLN C 188 11.89 31.86 -5.33
C GLN C 188 11.27 31.64 -6.70
N GLN C 189 10.04 32.09 -6.86
CA GLN C 189 9.37 32.00 -8.17
C GLN C 189 10.12 32.85 -9.19
N THR C 190 10.29 32.30 -10.39
CA THR C 190 11.02 33.04 -11.44
C THR C 190 10.07 33.58 -12.50
N THR C 191 9.09 32.78 -12.92
CA THR C 191 8.12 33.21 -13.94
C THR C 191 6.74 32.75 -13.53
N THR C 192 5.74 33.59 -13.72
CA THR C 192 4.36 33.22 -13.38
C THR C 192 3.54 33.18 -14.67
N PHE C 193 2.78 32.10 -14.85
CA PHE C 193 1.97 31.94 -16.06
C PHE C 193 0.52 32.19 -15.69
N THR C 194 0.04 33.40 -15.99
CA THR C 194 -1.37 33.74 -15.69
C THR C 194 -2.21 33.64 -16.94
N GLY C 195 -3.49 33.36 -16.76
CA GLY C 195 -4.39 33.37 -17.93
C GLY C 195 -5.51 32.36 -17.84
N HIS C 196 -5.34 31.33 -17.04
CA HIS C 196 -6.45 30.37 -16.87
C HIS C 196 -7.54 30.96 -15.99
N THR C 197 -8.77 30.53 -16.21
CA THR C 197 -9.90 31.05 -15.42
C THR C 197 -10.40 30.01 -14.42
N GLY C 198 -9.68 28.90 -14.28
CA GLY C 198 -10.13 27.82 -13.40
C GLY C 198 -8.96 27.04 -12.89
N ASP C 199 -9.25 26.06 -12.04
CA ASP C 199 -8.17 25.24 -11.46
C ASP C 199 -7.40 24.49 -12.55
N VAL C 200 -6.08 24.56 -12.48
CA VAL C 200 -5.23 23.83 -13.46
C VAL C 200 -4.94 22.46 -12.86
N MET C 201 -5.14 21.40 -13.68
CA MET C 201 -5.01 20.03 -13.15
C MET C 201 -3.79 19.29 -13.70
N SER C 202 -3.31 19.61 -14.90
CA SER C 202 -2.16 18.80 -15.42
C SER C 202 -1.11 19.61 -16.18
N LEU C 203 0.16 19.19 -16.11
CA LEU C 203 1.24 19.85 -16.90
C LEU C 203 2.00 18.75 -17.65
N SER C 204 2.29 18.95 -18.94
CA SER C 204 3.13 17.97 -19.68
C SER C 204 4.25 18.77 -20.36
N LEU C 205 5.50 18.32 -20.27
CA LEU C 205 6.63 19.11 -20.81
C LEU C 205 7.08 18.49 -22.13
N ALA C 206 7.35 19.32 -23.15
CA ALA C 206 7.79 18.86 -24.46
C ALA C 206 9.12 18.14 -24.32
N PRO C 207 9.48 17.22 -25.25
CA PRO C 207 10.77 16.58 -25.18
C PRO C 207 11.95 17.57 -25.17
N ASP C 208 11.84 18.69 -25.88
CA ASP C 208 12.90 19.71 -25.87
C ASP C 208 12.92 20.51 -24.57
N THR C 209 11.87 20.41 -23.77
CA THR C 209 11.76 21.15 -22.49
C THR C 209 11.76 22.65 -22.68
N ARG C 210 11.22 23.12 -23.79
CA ARG C 210 11.08 24.59 -24.02
C ARG C 210 9.62 25.03 -23.99
N LEU C 211 8.67 24.08 -23.96
CA LEU C 211 7.24 24.41 -23.92
C LEU C 211 6.53 23.46 -22.98
N PHE C 212 5.41 23.89 -22.43
CA PHE C 212 4.58 22.98 -21.64
C PHE C 212 3.11 23.38 -21.78
N VAL C 213 2.24 22.38 -21.74
CA VAL C 213 0.79 22.58 -21.93
C VAL C 213 0.09 22.31 -20.61
N SER C 214 -0.75 23.23 -20.20
CA SER C 214 -1.49 23.10 -18.93
C SER C 214 -2.98 23.07 -19.22
N GLY C 215 -3.67 22.10 -18.66
CA GLY C 215 -5.13 21.96 -18.83
C GLY C 215 -5.83 22.32 -17.55
N ALA C 216 -6.90 23.10 -17.67
CA ALA C 216 -7.59 23.60 -16.47
C ALA C 216 -9.04 23.16 -16.44
N CYS C 217 -9.71 23.48 -15.35
CA CYS C 217 -11.14 23.14 -15.18
C CYS C 217 -12.04 24.01 -16.06
N ASP C 218 -11.47 24.99 -16.74
CA ASP C 218 -12.26 25.87 -17.64
C ASP C 218 -12.49 25.21 -19.00
N ALA C 219 -12.05 23.96 -19.16
CA ALA C 219 -12.22 23.20 -20.42
C ALA C 219 -11.37 23.75 -21.55
N SER C 220 -10.26 24.37 -21.22
CA SER C 220 -9.32 24.89 -22.24
C SER C 220 -7.91 24.44 -21.91
N ALA C 221 -7.15 24.08 -22.93
CA ALA C 221 -5.74 23.71 -22.75
C ALA C 221 -4.90 24.84 -23.34
N LYS C 222 -3.90 25.29 -22.59
CA LYS C 222 -3.07 26.41 -23.04
C LYS C 222 -1.61 26.00 -23.17
N LEU C 223 -0.99 26.44 -24.26
CA LEU C 223 0.45 26.15 -24.48
C LEU C 223 1.24 27.37 -24.02
N TRP C 224 2.20 27.13 -23.14
CA TRP C 224 3.04 28.22 -22.64
C TRP C 224 4.46 28.11 -23.20
N ASP C 225 5.24 29.16 -22.98
CA ASP C 225 6.67 29.15 -23.33
C ASP C 225 7.42 29.40 -22.03
N VAL C 226 8.36 28.53 -21.71
CA VAL C 226 9.05 28.61 -20.41
C VAL C 226 9.89 29.88 -20.34
N ARG C 227 10.55 30.25 -21.42
CA ARG C 227 11.46 31.41 -21.34
C ARG C 227 10.72 32.72 -21.13
N GLU C 228 9.64 32.96 -21.87
CA GLU C 228 8.99 34.28 -21.83
C GLU C 228 7.71 34.31 -20.99
N GLY C 229 7.21 33.17 -20.55
CA GLY C 229 6.03 33.18 -19.67
C GLY C 229 4.79 33.76 -20.30
N MET C 230 4.61 33.54 -21.59
CA MET C 230 3.42 34.02 -22.31
C MET C 230 2.64 32.85 -22.89
N CYS C 231 1.33 32.98 -22.93
CA CYS C 231 0.49 31.89 -23.49
C CYS C 231 0.62 31.95 -25.01
N ARG C 232 1.35 31.02 -25.59
CA ARG C 232 1.59 31.03 -27.03
C ARG C 232 0.33 30.67 -27.81
N GLN C 233 -0.44 29.70 -27.34
CA GLN C 233 -1.67 29.30 -28.03
C GLN C 233 -2.71 28.87 -27.03
N THR C 234 -3.97 28.81 -27.49
CA THR C 234 -5.09 28.37 -26.61
C THR C 234 -5.95 27.38 -27.37
N PHE C 235 -6.30 26.26 -26.74
CA PHE C 235 -7.07 25.19 -27.42
C PHE C 235 -8.33 24.90 -26.62
N THR C 236 -9.48 24.71 -27.28
CA THR C 236 -10.77 24.45 -26.62
C THR C 236 -11.51 23.36 -27.37
N GLY C 237 -12.60 22.90 -26.79
CA GLY C 237 -13.44 21.91 -27.47
C GLY C 237 -14.04 20.92 -26.49
N HIS C 238 -13.46 20.84 -25.30
CA HIS C 238 -14.01 19.95 -24.27
C HIS C 238 -15.23 20.55 -23.59
N GLU C 239 -16.26 19.74 -23.42
CA GLU C 239 -17.47 20.19 -22.72
C GLU C 239 -17.20 20.45 -21.24
N SER C 240 -16.36 19.64 -20.61
CA SER C 240 -16.18 19.74 -19.15
C SER C 240 -14.72 19.87 -18.76
N ASP C 241 -14.43 19.55 -17.50
CA ASP C 241 -13.09 19.73 -16.94
C ASP C 241 -12.03 18.88 -17.64
N ILE C 242 -10.78 19.33 -17.58
CA ILE C 242 -9.64 18.55 -18.10
C ILE C 242 -8.86 18.00 -16.92
N ASN C 243 -8.60 16.69 -16.93
CA ASN C 243 -7.97 16.05 -15.74
C ASN C 243 -6.56 15.57 -16.04
N ALA C 244 -6.23 15.29 -17.30
CA ALA C 244 -4.89 14.78 -17.63
C ALA C 244 -4.47 15.34 -18.98
N ILE C 245 -3.17 15.54 -19.14
CA ILE C 245 -2.64 16.01 -20.43
C ILE C 245 -1.30 15.33 -20.67
N CYS C 246 -1.02 15.01 -21.93
CA CYS C 246 0.28 14.42 -22.27
C CYS C 246 0.68 14.80 -23.69
N PHE C 247 1.97 15.05 -23.87
CA PHE C 247 2.48 15.39 -25.22
C PHE C 247 2.70 14.14 -26.05
N PHE C 248 2.63 14.24 -27.38
CA PHE C 248 2.96 13.09 -28.26
C PHE C 248 4.49 13.08 -28.26
N PRO C 249 5.20 11.98 -28.51
CA PRO C 249 6.64 12.02 -28.39
C PRO C 249 7.24 13.11 -29.30
N ASN C 250 6.69 13.28 -30.50
CA ASN C 250 7.29 14.26 -31.43
C ASN C 250 7.35 15.59 -30.72
N GLY C 251 6.32 15.86 -29.92
CA GLY C 251 6.28 17.18 -29.27
C GLY C 251 5.48 18.20 -30.06
N ASN C 252 4.90 17.79 -31.18
CA ASN C 252 4.06 18.68 -32.02
C ASN C 252 2.57 18.40 -31.81
N ALA C 253 2.21 17.52 -30.88
CA ALA C 253 0.80 17.29 -30.55
C ALA C 253 0.68 16.86 -29.10
N PHE C 254 -0.49 17.08 -28.53
CA PHE C 254 -0.73 16.63 -27.14
C PHE C 254 -2.17 16.18 -26.98
N ALA C 255 -2.36 15.13 -26.20
CA ALA C 255 -3.71 14.56 -25.98
C ALA C 255 -4.19 14.96 -24.61
N THR C 256 -5.50 15.12 -24.49
CA THR C 256 -6.07 15.62 -23.22
C THR C 256 -7.23 14.73 -22.78
N GLY C 257 -7.37 14.57 -21.48
CA GLY C 257 -8.45 13.76 -20.92
C GLY C 257 -9.43 14.65 -20.20
N SER C 258 -10.69 14.25 -20.21
CA SER C 258 -11.75 15.09 -19.60
C SER C 258 -12.72 14.23 -18.79
N ASP C 259 -13.61 14.90 -18.09
CA ASP C 259 -14.63 14.20 -17.27
C ASP C 259 -15.85 13.79 -18.09
N ASP C 260 -15.91 14.15 -19.37
CA ASP C 260 -17.04 13.74 -20.22
C ASP C 260 -16.73 12.47 -21.00
N ALA C 261 -15.78 11.66 -20.53
CA ALA C 261 -15.44 10.38 -21.18
C ALA C 261 -14.96 10.61 -22.61
N THR C 262 -14.18 11.66 -22.81
CA THR C 262 -13.68 11.97 -24.15
C THR C 262 -12.22 12.38 -24.11
N CYS C 263 -11.42 11.81 -25.00
CA CYS C 263 -10.01 12.22 -25.17
C CYS C 263 -9.93 12.93 -26.51
N ARG C 264 -9.09 13.95 -26.59
CA ARG C 264 -8.91 14.66 -27.86
C ARG C 264 -7.43 14.81 -28.17
N LEU C 265 -7.10 14.81 -29.45
CA LEU C 265 -5.70 15.04 -29.87
C LEU C 265 -5.62 16.41 -30.54
N PHE C 266 -4.92 17.33 -29.90
CA PHE C 266 -4.72 18.67 -30.47
C PHE C 266 -3.37 18.76 -31.15
N ASP C 267 -3.27 19.71 -32.09
CA ASP C 267 -1.98 19.95 -32.76
C ASP C 267 -1.51 21.35 -32.40
N LEU C 268 -0.23 21.46 -32.08
CA LEU C 268 0.33 22.79 -31.74
C LEU C 268 0.36 23.69 -32.97
N ARG C 269 0.75 23.16 -34.13
CA ARG C 269 0.86 24.00 -35.35
C ARG C 269 -0.52 24.28 -35.95
N ALA C 270 -1.35 23.25 -36.18
CA ALA C 270 -2.69 23.43 -36.78
C ALA C 270 -3.61 24.26 -35.90
N ASP C 271 -3.52 24.12 -34.57
CA ASP C 271 -4.35 24.88 -33.60
C ASP C 271 -5.76 24.28 -33.48
N GLN C 272 -5.99 23.04 -33.93
CA GLN C 272 -7.37 22.49 -33.92
C GLN C 272 -7.41 21.05 -33.43
N GLU C 273 -8.61 20.48 -33.23
CA GLU C 273 -8.82 19.08 -32.82
C GLU C 273 -8.51 18.17 -34.02
N LEU C 274 -7.94 17.01 -33.77
CA LEU C 274 -7.73 16.06 -34.87
C LEU C 274 -8.64 14.84 -34.75
N MET C 275 -8.72 14.26 -33.56
CA MET C 275 -9.62 13.10 -33.34
C MET C 275 -10.35 13.25 -32.01
N THR C 276 -11.48 12.57 -31.92
CA THR C 276 -12.19 12.51 -30.63
C THR C 276 -12.26 11.04 -30.26
N TYR C 277 -11.73 10.70 -29.09
CA TYR C 277 -11.71 9.30 -28.65
C TYR C 277 -12.89 9.10 -27.72
N SER C 278 -13.97 8.56 -28.26
CA SER C 278 -15.19 8.40 -27.44
C SER C 278 -15.88 7.08 -27.77
N HIS C 279 -16.55 6.51 -26.78
CA HIS C 279 -17.39 5.33 -27.03
C HIS C 279 -18.65 5.49 -26.19
N ASP C 280 -19.77 5.00 -26.71
CA ASP C 280 -21.04 5.23 -26.00
C ASP C 280 -21.04 4.53 -24.66
N ASN C 281 -20.41 3.37 -24.57
CA ASN C 281 -20.45 2.58 -23.32
C ASN C 281 -19.67 3.24 -22.18
N ILE C 282 -18.85 4.24 -22.47
CA ILE C 282 -18.02 4.89 -21.43
C ILE C 282 -18.70 6.19 -21.01
N ILE C 283 -19.09 6.27 -19.75
CA ILE C 283 -19.76 7.49 -19.23
C ILE C 283 -19.03 7.96 -17.98
N CYS C 284 -17.76 7.60 -17.85
CA CYS C 284 -16.97 7.98 -16.66
C CYS C 284 -15.83 8.91 -17.04
N GLY C 285 -15.30 9.59 -16.04
CA GLY C 285 -14.21 10.53 -16.29
C GLY C 285 -12.89 9.88 -16.61
N ILE C 286 -11.99 10.66 -17.17
CA ILE C 286 -10.63 10.19 -17.49
C ILE C 286 -9.65 10.78 -16.48
N THR C 287 -8.91 9.93 -15.80
CA THR C 287 -7.99 10.41 -14.77
C THR C 287 -6.54 10.53 -15.23
N SER C 288 -6.13 9.76 -16.23
CA SER C 288 -4.72 9.80 -16.67
C SER C 288 -4.63 9.53 -18.16
N VAL C 289 -3.75 10.25 -18.83
CA VAL C 289 -3.50 10.00 -20.28
C VAL C 289 -2.00 9.90 -20.49
N SER C 290 -1.57 8.84 -21.17
CA SER C 290 -0.13 8.67 -21.50
C SER C 290 -0.01 8.13 -22.91
N PHE C 291 1.08 8.46 -23.56
CA PHE C 291 1.33 7.96 -24.93
C PHE C 291 2.39 6.87 -24.91
N SER C 292 2.38 6.05 -25.94
CA SER C 292 3.41 5.00 -26.10
C SER C 292 4.67 5.60 -26.73
N LYS C 293 5.75 4.84 -26.75
CA LYS C 293 7.03 5.39 -27.25
C LYS C 293 6.88 5.78 -28.71
N SER C 294 6.17 4.98 -29.49
CA SER C 294 6.04 5.24 -30.94
C SER C 294 4.94 6.25 -31.23
N GLY C 295 4.03 6.45 -30.29
CA GLY C 295 2.89 7.33 -30.50
C GLY C 295 1.68 6.66 -31.11
N ARG C 296 1.74 5.36 -31.37
CA ARG C 296 0.64 4.67 -32.05
C ARG C 296 -0.38 4.15 -31.04
N LEU C 297 -0.03 4.08 -29.77
CA LEU C 297 -0.98 3.66 -28.73
C LEU C 297 -1.21 4.80 -27.75
N LEU C 298 -2.47 5.11 -27.47
CA LEU C 298 -2.81 6.12 -26.46
C LEU C 298 -3.39 5.40 -25.24
N LEU C 299 -2.71 5.51 -24.11
CA LEU C 299 -3.14 4.84 -22.87
C LEU C 299 -3.93 5.87 -22.07
N ALA C 300 -5.23 5.64 -21.92
CA ALA C 300 -6.11 6.56 -21.19
C ALA C 300 -6.68 5.86 -19.97
N GLY C 301 -6.47 6.42 -18.78
CA GLY C 301 -7.04 5.86 -17.54
C GLY C 301 -8.52 6.16 -17.42
N TYR C 302 -9.30 5.31 -16.76
CA TYR C 302 -10.77 5.53 -16.71
C TYR C 302 -11.30 5.26 -15.31
N ASP C 303 -12.48 5.78 -15.01
CA ASP C 303 -13.11 5.60 -13.66
C ASP C 303 -14.01 4.36 -13.66
N ASP C 304 -14.03 3.60 -14.76
CA ASP C 304 -14.84 2.36 -14.85
C ASP C 304 -14.01 1.22 -14.25
N PHE C 305 -12.82 1.50 -13.72
CA PHE C 305 -11.92 0.50 -13.08
C PHE C 305 -11.07 -0.22 -14.14
N ASN C 306 -11.19 0.15 -15.41
CA ASN C 306 -10.33 -0.45 -16.45
C ASN C 306 -9.70 0.66 -17.28
N CYS C 307 -8.37 0.70 -17.36
CA CYS C 307 -7.70 1.67 -18.26
C CYS C 307 -7.88 1.17 -19.69
N ASN C 308 -7.87 2.04 -20.69
CA ASN C 308 -8.17 1.60 -22.07
C ASN C 308 -7.05 2.00 -23.03
N VAL C 309 -6.73 1.12 -23.98
CA VAL C 309 -5.65 1.41 -24.95
C VAL C 309 -6.28 1.87 -26.25
N TRP C 310 -6.14 3.14 -26.56
CA TRP C 310 -6.74 3.71 -27.78
C TRP C 310 -5.69 3.80 -28.87
N ASP C 311 -6.05 3.39 -30.07
CA ASP C 311 -5.16 3.55 -31.22
C ASP C 311 -5.24 5.01 -31.65
N ALA C 312 -4.12 5.71 -31.62
CA ALA C 312 -4.13 7.16 -31.85
C ALA C 312 -4.59 7.52 -33.25
N LEU C 313 -4.12 6.80 -34.26
CA LEU C 313 -4.42 7.21 -35.65
C LEU C 313 -5.84 6.87 -36.12
N LYS C 314 -6.53 5.93 -35.50
CA LYS C 314 -7.86 5.53 -36.03
C LYS C 314 -8.98 5.66 -35.01
N ALA C 315 -8.68 6.03 -33.78
CA ALA C 315 -9.71 6.25 -32.74
C ALA C 315 -10.54 5.01 -32.46
N ASP C 316 -9.91 3.84 -32.52
CA ASP C 316 -10.60 2.58 -32.17
C ASP C 316 -9.89 1.95 -30.97
N ARG C 317 -10.66 1.29 -30.11
CA ARG C 317 -10.06 0.74 -28.88
C ARG C 317 -9.39 -0.59 -29.22
N ALA C 318 -8.07 -0.59 -29.27
CA ALA C 318 -7.32 -1.82 -29.57
C ALA C 318 -7.46 -2.84 -28.45
N GLY C 319 -7.42 -2.38 -27.20
CA GLY C 319 -7.43 -3.34 -26.09
C GLY C 319 -7.82 -2.71 -24.79
N VAL C 320 -8.01 -3.55 -23.77
CA VAL C 320 -8.40 -3.05 -22.45
C VAL C 320 -7.54 -3.72 -21.39
N LEU C 321 -7.23 -2.99 -20.33
CA LEU C 321 -6.51 -3.55 -19.18
C LEU C 321 -7.45 -3.47 -17.99
N ALA C 322 -7.84 -4.61 -17.43
CA ALA C 322 -8.89 -4.60 -16.40
C ALA C 322 -8.42 -5.18 -15.07
N GLY C 323 -7.20 -4.88 -14.67
CA GLY C 323 -6.68 -5.41 -13.39
C GLY C 323 -6.78 -4.41 -12.26
N HIS C 324 -7.83 -3.58 -12.22
CA HIS C 324 -7.96 -2.63 -11.09
C HIS C 324 -9.24 -2.81 -10.27
N ASP C 325 -9.12 -3.05 -8.96
CA ASP C 325 -10.31 -3.15 -8.07
C ASP C 325 -11.11 -1.84 -8.07
N ASN C 326 -10.47 -0.71 -7.77
CA ASN C 326 -11.11 0.63 -7.85
C ASN C 326 -10.61 1.48 -9.03
N ARG C 327 -11.02 2.74 -9.10
CA ARG C 327 -10.66 3.62 -10.26
C ARG C 327 -9.17 3.83 -10.56
N VAL C 328 -8.78 3.76 -11.83
CA VAL C 328 -7.37 4.02 -12.25
C VAL C 328 -7.14 5.49 -11.96
N SER C 329 -5.95 5.86 -11.50
CA SER C 329 -5.66 7.27 -11.14
C SER C 329 -4.42 7.77 -11.87
N CYS C 330 -3.28 7.12 -11.65
CA CYS C 330 -2.03 7.53 -12.29
C CYS C 330 -1.56 6.46 -13.27
N LEU C 331 -1.16 6.89 -14.45
CA LEU C 331 -0.67 5.95 -15.49
C LEU C 331 0.58 6.55 -16.13
N GLY C 332 1.58 5.72 -16.36
CA GLY C 332 2.80 6.21 -17.03
C GLY C 332 3.47 5.18 -17.90
N VAL C 333 4.03 5.62 -19.01
CA VAL C 333 4.73 4.73 -19.96
C VAL C 333 6.22 4.98 -19.83
N THR C 334 7.01 3.92 -19.82
CA THR C 334 8.45 4.06 -19.61
C THR C 334 9.11 4.75 -20.79
N ASP C 335 10.30 5.29 -20.55
CA ASP C 335 11.01 6.01 -21.63
C ASP C 335 11.34 5.05 -22.77
N ASP C 336 11.66 3.80 -22.44
CA ASP C 336 12.06 2.80 -23.46
C ASP C 336 10.82 2.11 -24.06
N GLY C 337 9.64 2.37 -23.49
CA GLY C 337 8.40 1.82 -24.07
C GLY C 337 8.14 0.38 -23.66
N MET C 338 9.00 -0.18 -22.83
CA MET C 338 8.85 -1.58 -22.40
C MET C 338 7.58 -1.80 -21.58
N ALA C 339 7.24 -0.88 -20.68
CA ALA C 339 6.09 -1.17 -19.78
C ALA C 339 5.13 0.00 -19.55
N VAL C 340 3.90 -0.31 -19.11
CA VAL C 340 2.91 0.73 -18.76
C VAL C 340 2.47 0.47 -17.32
N ALA C 341 2.83 1.35 -16.39
CA ALA C 341 2.49 1.19 -14.96
C ALA C 341 1.23 1.97 -14.68
N THR C 342 0.25 1.31 -14.05
CA THR C 342 -1.04 1.95 -13.77
C THR C 342 -1.32 1.89 -12.29
N GLY C 343 -1.33 3.04 -11.65
CA GLY C 343 -1.70 3.09 -10.23
C GLY C 343 -3.19 3.24 -10.06
N SER C 344 -3.68 2.84 -8.90
CA SER C 344 -5.14 2.90 -8.66
C SER C 344 -5.42 3.17 -7.20
N TRP C 345 -6.65 3.51 -6.90
CA TRP C 345 -7.05 3.86 -5.53
C TRP C 345 -7.12 2.64 -4.62
N ASP C 346 -6.95 1.45 -5.16
CA ASP C 346 -6.97 0.22 -4.32
C ASP C 346 -5.62 -0.01 -3.65
N SER C 347 -4.66 0.88 -3.84
CA SER C 347 -3.34 0.81 -3.18
C SER C 347 -2.40 -0.20 -3.83
N PHE C 348 -2.63 -0.52 -5.10
CA PHE C 348 -1.75 -1.47 -5.81
C PHE C 348 -1.30 -0.88 -7.14
N LEU C 349 -0.02 -1.01 -7.43
CA LEU C 349 0.48 -0.63 -8.76
C LEU C 349 0.69 -1.90 -9.57
N LYS C 350 0.40 -1.84 -10.85
CA LYS C 350 0.63 -2.99 -11.73
C LYS C 350 1.48 -2.57 -12.91
N ILE C 351 2.51 -3.34 -13.21
CA ILE C 351 3.37 -3.07 -14.38
C ILE C 351 2.88 -3.94 -15.51
N TRP C 352 2.37 -3.36 -16.58
CA TRP C 352 1.79 -4.15 -17.67
C TRP C 352 2.72 -4.07 -18.86
N ASN C 353 3.30 -5.19 -19.29
CA ASN C 353 4.14 -5.21 -20.50
C ASN C 353 3.34 -5.79 -21.65
N ILE D 8 -12.29 46.11 -15.63
CA ILE D 8 -12.15 46.34 -17.10
C ILE D 8 -10.74 45.92 -17.52
N ALA D 9 -9.81 45.86 -16.59
CA ALA D 9 -8.43 45.43 -16.93
C ALA D 9 -8.45 44.01 -17.51
N GLN D 10 -9.40 43.19 -17.09
CA GLN D 10 -9.50 41.83 -17.64
C GLN D 10 -9.80 41.91 -19.14
N ALA D 11 -10.65 42.85 -19.55
CA ALA D 11 -10.93 43.00 -20.99
C ALA D 11 -9.62 43.44 -21.65
N ARG D 12 -8.88 44.34 -21.02
CA ARG D 12 -7.63 44.79 -21.66
C ARG D 12 -6.71 43.59 -21.88
N LYS D 13 -6.48 42.83 -20.83
CA LYS D 13 -5.55 41.68 -20.98
C LYS D 13 -6.03 40.63 -21.97
N LEU D 14 -7.33 40.34 -21.95
CA LEU D 14 -7.87 39.34 -22.91
C LEU D 14 -7.66 39.83 -24.34
N VAL D 15 -7.85 41.12 -24.56
CA VAL D 15 -7.73 41.65 -25.94
C VAL D 15 -6.27 41.48 -26.35
N GLU D 16 -5.35 41.83 -25.47
CA GLU D 16 -3.93 41.71 -25.87
C GLU D 16 -3.61 40.24 -26.13
N GLN D 17 -4.06 39.37 -25.26
CA GLN D 17 -3.73 37.94 -25.43
C GLN D 17 -4.28 37.36 -26.73
N LEU D 18 -5.53 37.68 -27.06
CA LEU D 18 -6.12 37.16 -28.30
C LEU D 18 -5.39 37.76 -29.50
N LYS D 19 -4.99 39.02 -29.40
CA LYS D 19 -4.30 39.65 -30.54
C LYS D 19 -2.99 38.91 -30.80
N MET D 20 -2.27 38.60 -29.73
CA MET D 20 -0.98 37.88 -29.88
C MET D 20 -1.24 36.49 -30.45
N GLU D 21 -2.32 35.86 -30.03
CA GLU D 21 -2.63 34.50 -30.50
C GLU D 21 -3.00 34.50 -31.98
N ALA D 22 -3.73 35.50 -32.43
CA ALA D 22 -4.25 35.48 -33.82
C ALA D 22 -3.12 35.40 -34.85
N ASN D 23 -2.04 36.14 -34.63
CA ASN D 23 -0.96 36.14 -35.63
C ASN D 23 -0.09 34.93 -35.39
N ILE D 24 -0.44 33.82 -36.03
CA ILE D 24 0.41 32.60 -35.98
C ILE D 24 0.43 31.99 -37.37
N ASP D 25 1.60 31.51 -37.80
CA ASP D 25 1.71 30.98 -39.19
C ASP D 25 1.12 29.58 -39.19
N ARG D 26 -0.19 29.50 -39.28
CA ARG D 26 -0.85 28.18 -39.16
C ARG D 26 -0.56 27.31 -40.36
N ILE D 27 -0.70 26.00 -40.17
CA ILE D 27 -0.45 25.04 -41.26
C ILE D 27 -1.69 24.20 -41.46
N LYS D 28 -1.84 23.62 -42.64
CA LYS D 28 -3.05 22.85 -42.96
C LYS D 28 -3.11 21.57 -42.13
N VAL D 29 -4.33 21.09 -41.92
CA VAL D 29 -4.52 19.85 -41.13
C VAL D 29 -3.84 18.68 -41.85
N SER D 30 -3.88 18.67 -43.18
CA SER D 30 -3.33 17.52 -43.93
C SER D 30 -1.84 17.36 -43.64
N LYS D 31 -1.12 18.47 -43.59
CA LYS D 31 0.34 18.37 -43.36
C LYS D 31 0.60 17.78 -41.97
N ALA D 32 -0.18 18.21 -40.98
CA ALA D 32 -0.02 17.66 -39.63
C ALA D 32 -0.33 16.16 -39.62
N ALA D 33 -1.38 15.78 -40.33
CA ALA D 33 -1.74 14.35 -40.38
C ALA D 33 -0.60 13.55 -40.99
N ALA D 34 -0.02 14.08 -42.06
CA ALA D 34 1.08 13.35 -42.74
C ALA D 34 2.25 13.25 -41.77
N ASP D 35 2.51 14.31 -41.02
CA ASP D 35 3.67 14.31 -40.11
C ASP D 35 3.46 13.24 -39.03
N LEU D 36 2.26 13.15 -38.49
CA LEU D 36 2.01 12.17 -37.42
C LEU D 36 2.15 10.76 -37.99
N MET D 37 1.61 10.54 -39.18
CA MET D 37 1.70 9.20 -39.77
C MET D 37 3.18 8.86 -40.00
N ALA D 38 3.95 9.83 -40.47
CA ALA D 38 5.36 9.56 -40.78
C ALA D 38 6.09 9.18 -39.51
N TYR D 39 5.84 9.89 -38.43
CA TYR D 39 6.59 9.62 -37.19
C TYR D 39 6.20 8.24 -36.66
N CYS D 40 4.92 7.93 -36.72
CA CYS D 40 4.45 6.64 -36.17
C CYS D 40 5.05 5.49 -36.98
N GLU D 41 5.06 5.61 -38.29
CA GLU D 41 5.64 4.56 -39.15
C GLU D 41 7.15 4.47 -38.91
N ALA D 42 7.83 5.60 -38.80
CA ALA D 42 9.29 5.58 -38.66
C ALA D 42 9.69 4.90 -37.35
N HIS D 43 8.97 5.16 -36.27
CA HIS D 43 9.36 4.61 -34.95
C HIS D 43 8.52 3.39 -34.59
N ALA D 44 7.77 2.86 -35.54
CA ALA D 44 6.86 1.73 -35.23
C ALA D 44 7.64 0.49 -34.81
N LYS D 45 8.72 0.18 -35.52
CA LYS D 45 9.44 -1.09 -35.24
C LYS D 45 10.02 -1.09 -33.83
N GLU D 46 10.62 0.01 -33.41
CA GLU D 46 11.24 0.07 -32.07
C GLU D 46 10.20 0.49 -31.03
N ASP D 47 9.11 -0.25 -30.97
CA ASP D 47 8.08 0.02 -29.94
C ASP D 47 7.66 -1.29 -29.30
N PRO D 48 8.05 -1.54 -28.04
CA PRO D 48 7.72 -2.79 -27.40
C PRO D 48 6.21 -3.04 -27.23
N LEU D 49 5.44 -1.99 -27.01
CA LEU D 49 3.99 -2.18 -26.76
C LEU D 49 3.25 -2.68 -28.00
N LEU D 50 3.54 -2.14 -29.17
CA LEU D 50 2.76 -2.52 -30.37
C LEU D 50 2.95 -3.99 -30.69
N THR D 51 4.20 -4.46 -30.67
CA THR D 51 4.49 -5.86 -31.02
C THR D 51 5.10 -6.55 -29.81
N PRO D 52 4.61 -7.73 -29.39
CA PRO D 52 5.23 -8.41 -28.27
C PRO D 52 6.71 -8.68 -28.54
N VAL D 53 7.54 -8.39 -27.53
CA VAL D 53 9.00 -8.60 -27.67
C VAL D 53 9.30 -10.05 -27.27
N PRO D 54 10.34 -10.69 -27.83
CA PRO D 54 10.69 -12.03 -27.39
C PRO D 54 10.92 -12.09 -25.88
N ALA D 55 10.49 -13.19 -25.27
CA ALA D 55 10.56 -13.31 -23.80
C ALA D 55 11.99 -13.20 -23.31
N SER D 56 12.97 -13.62 -24.11
CA SER D 56 14.38 -13.46 -23.71
C SER D 56 14.74 -11.98 -23.56
N GLU D 57 14.30 -11.15 -24.51
CA GLU D 57 14.70 -9.73 -24.51
C GLU D 57 13.85 -8.90 -23.54
N ASN D 58 12.75 -9.45 -23.06
CA ASN D 58 11.83 -8.67 -22.21
C ASN D 58 12.40 -8.61 -20.79
N PRO D 59 12.59 -7.41 -20.21
CA PRO D 59 13.10 -7.33 -18.86
C PRO D 59 12.12 -7.77 -17.78
N PHE D 60 10.84 -7.89 -18.13
CA PHE D 60 9.81 -8.33 -17.16
C PHE D 60 9.42 -9.76 -17.50
N ARG D 61 9.56 -10.64 -16.52
CA ARG D 61 9.19 -12.05 -16.73
C ARG D 61 8.59 -12.63 -15.44
N VAL E 1 30.21 12.80 8.31
CA VAL E 1 30.33 11.32 8.33
C VAL E 1 31.73 10.94 8.78
N GLN E 2 31.86 10.50 10.02
CA GLN E 2 33.17 10.03 10.53
C GLN E 2 32.96 8.76 11.34
N LEU E 3 33.89 7.82 11.20
CA LEU E 3 33.83 6.58 12.00
C LEU E 3 35.13 6.50 12.79
N VAL E 4 35.00 6.43 14.11
CA VAL E 4 36.19 6.32 15.00
C VAL E 4 36.10 5.01 15.77
N GLU E 5 37.18 4.23 15.72
CA GLU E 5 37.17 2.90 16.36
C GLU E 5 37.94 2.95 17.68
N SER E 6 37.67 1.99 18.55
CA SER E 6 38.32 1.95 19.86
C SER E 6 38.54 0.51 20.27
N GLY E 7 39.41 0.29 21.25
CA GLY E 7 39.60 -1.06 21.78
C GLY E 7 40.90 -1.73 21.38
N GLY E 8 41.79 -1.01 20.71
CA GLY E 8 43.04 -1.63 20.24
C GLY E 8 44.17 -1.49 21.23
N GLY E 9 44.84 -2.59 21.50
CA GLY E 9 46.01 -2.55 22.39
C GLY E 9 46.71 -3.88 22.42
N LEU E 10 47.78 -3.98 23.20
CA LEU E 10 48.47 -5.26 23.35
C LEU E 10 47.57 -6.28 24.05
N VAL E 11 47.55 -7.50 23.52
CA VAL E 11 46.78 -8.59 24.15
C VAL E 11 47.67 -9.82 24.21
N GLN E 12 47.63 -10.52 25.34
CA GLN E 12 48.39 -11.77 25.44
C GLN E 12 47.72 -12.87 24.62
N PRO E 13 48.49 -13.80 24.03
CA PRO E 13 47.89 -14.89 23.30
C PRO E 13 46.88 -15.67 24.14
N GLY E 14 45.78 -16.03 23.50
CA GLY E 14 44.76 -16.84 24.17
C GLY E 14 43.74 -16.03 24.93
N GLY E 15 43.90 -14.71 24.96
CA GLY E 15 43.00 -13.86 25.73
C GLY E 15 41.75 -13.45 24.98
N SER E 16 41.04 -12.49 25.55
CA SER E 16 39.86 -11.93 24.88
C SER E 16 39.95 -10.40 24.85
N ARG E 17 39.36 -9.81 23.82
CA ARG E 17 39.26 -8.34 23.75
C ARG E 17 38.03 -7.99 22.93
N LYS E 18 37.45 -6.83 23.22
CA LYS E 18 36.27 -6.38 22.46
C LYS E 18 36.62 -5.08 21.74
N LEU E 19 36.38 -5.06 20.44
CA LEU E 19 36.65 -3.84 19.65
C LEU E 19 35.36 -3.07 19.50
N SER E 20 35.43 -1.76 19.71
CA SER E 20 34.24 -0.90 19.59
C SER E 20 34.42 0.16 18.52
N CYS E 21 33.41 0.34 17.69
CA CYS E 21 33.43 1.43 16.69
C CYS E 21 32.18 2.29 16.88
N SER E 22 32.38 3.59 17.03
CA SER E 22 31.27 4.54 17.26
C SER E 22 31.04 5.36 16.00
N ALA E 23 29.80 5.43 15.56
CA ALA E 23 29.48 6.15 14.31
C ALA E 23 28.71 7.43 14.60
N SER E 24 29.16 8.52 14.01
CA SER E 24 28.43 9.80 14.14
C SER E 24 28.35 10.46 12.77
N GLY E 25 27.24 11.14 12.52
CA GLY E 25 27.12 11.91 11.27
C GLY E 25 26.35 11.23 10.17
N PHE E 26 25.77 10.06 10.44
CA PHE E 26 24.92 9.41 9.42
C PHE E 26 23.95 8.46 10.09
N ALA E 27 22.97 8.00 9.32
CA ALA E 27 21.92 7.11 9.87
C ALA E 27 22.50 5.70 9.97
N PHE E 28 22.92 5.33 11.17
CA PHE E 28 23.57 4.02 11.38
C PHE E 28 22.59 2.87 11.18
N SER E 29 21.33 3.07 11.49
CA SER E 29 20.35 1.96 11.45
C SER E 29 20.20 1.38 10.05
N SER E 30 20.34 2.21 9.02
CA SER E 30 20.07 1.76 7.64
C SER E 30 21.33 1.30 6.90
N PHE E 31 22.47 1.22 7.59
CA PHE E 31 23.72 0.83 6.93
C PHE E 31 24.23 -0.52 7.44
N GLY E 32 24.61 -1.36 6.52
CA GLY E 32 25.27 -2.62 6.91
C GLY E 32 26.70 -2.30 7.25
N MET E 33 27.22 -2.93 8.29
CA MET E 33 28.56 -2.59 8.77
C MET E 33 29.50 -3.77 8.62
N HIS E 34 30.68 -3.52 8.09
CA HIS E 34 31.67 -4.58 7.84
C HIS E 34 32.89 -4.41 8.73
N TRP E 35 33.68 -5.45 8.85
CA TRP E 35 34.96 -5.37 9.57
C TRP E 35 36.05 -5.91 8.65
N VAL E 36 37.06 -5.11 8.40
CA VAL E 36 38.17 -5.53 7.52
C VAL E 36 39.48 -5.27 8.23
N ARG E 37 40.37 -6.26 8.21
CA ARG E 37 41.65 -6.13 8.93
C ARG E 37 42.80 -6.18 7.96
N GLN E 38 43.91 -5.58 8.34
CA GLN E 38 45.11 -5.58 7.49
C GLN E 38 46.32 -5.95 8.34
N ALA E 39 46.93 -7.08 8.04
CA ALA E 39 48.13 -7.48 8.78
C ALA E 39 49.29 -6.56 8.41
N PRO E 40 50.25 -6.33 9.31
CA PRO E 40 51.33 -5.41 9.00
C PRO E 40 52.09 -5.84 7.73
N GLU E 41 52.32 -4.86 6.85
CA GLU E 41 53.06 -5.11 5.59
C GLU E 41 52.39 -6.22 4.77
N LYS E 42 51.07 -6.24 4.77
CA LYS E 42 50.32 -7.26 4.00
C LYS E 42 49.04 -6.65 3.44
N GLY E 43 48.25 -7.47 2.77
CA GLY E 43 47.00 -7.00 2.18
C GLY E 43 45.79 -7.09 3.09
N LEU E 44 44.65 -6.66 2.57
CA LEU E 44 43.41 -6.67 3.36
C LEU E 44 42.74 -8.03 3.33
N GLU E 45 41.90 -8.29 4.33
CA GLU E 45 41.08 -9.51 4.33
C GLU E 45 39.79 -9.24 5.10
N TRP E 46 38.69 -9.82 4.64
CA TRP E 46 37.38 -9.59 5.27
C TRP E 46 37.30 -10.38 6.57
N VAL E 47 36.59 -9.83 7.55
CA VAL E 47 36.51 -10.48 8.89
C VAL E 47 35.08 -10.80 9.28
N ALA E 48 34.17 -9.84 9.13
CA ALA E 48 32.77 -10.08 9.47
C ALA E 48 31.87 -9.10 8.75
N TYR E 49 30.58 -9.40 8.75
CA TYR E 49 29.59 -8.47 8.18
C TYR E 49 28.27 -8.63 8.90
N ILE E 50 27.70 -7.51 9.36
CA ILE E 50 26.36 -7.53 9.98
C ILE E 50 25.49 -6.58 9.18
N SER E 51 24.32 -7.05 8.76
CA SER E 51 23.46 -6.25 7.89
C SER E 51 22.57 -5.32 8.71
N SER E 52 21.84 -4.46 8.02
CA SER E 52 20.89 -3.57 8.72
C SER E 52 19.85 -4.41 9.45
N GLY E 53 19.59 -4.09 10.71
CA GLY E 53 18.55 -4.83 11.43
C GLY E 53 19.06 -6.08 12.11
N SER E 54 20.33 -6.40 11.96
CA SER E 54 20.97 -7.57 12.62
C SER E 54 20.41 -8.88 12.09
N GLY E 55 19.69 -8.84 10.98
CA GLY E 55 19.07 -10.06 10.47
C GLY E 55 20.07 -11.06 9.96
N THR E 56 21.06 -10.61 9.22
CA THR E 56 22.02 -11.52 8.59
C THR E 56 23.42 -11.23 9.09
N ILE E 57 24.10 -12.25 9.57
CA ILE E 57 25.51 -12.12 10.02
C ILE E 57 26.35 -13.14 9.27
N TYR E 58 27.48 -12.73 8.74
CA TYR E 58 28.41 -13.65 8.07
C TYR E 58 29.80 -13.44 8.65
N TYR E 59 30.56 -14.53 8.74
CA TYR E 59 31.93 -14.45 9.27
C TYR E 59 32.91 -15.08 8.29
N ALA E 60 34.15 -14.64 8.34
CA ALA E 60 35.20 -15.22 7.50
C ALA E 60 35.59 -16.58 8.06
N ASP E 61 36.23 -17.40 7.25
CA ASP E 61 36.49 -18.77 7.75
C ASP E 61 37.58 -18.73 8.80
N THR E 62 38.57 -17.87 8.64
CA THR E 62 39.68 -17.94 9.62
C THR E 62 39.14 -17.62 11.01
N VAL E 63 38.19 -16.71 11.11
CA VAL E 63 37.73 -16.27 12.45
C VAL E 63 36.30 -16.76 12.66
N LYS E 64 35.98 -17.91 12.10
CA LYS E 64 34.61 -18.42 12.35
C LYS E 64 34.51 -19.05 13.72
N GLY E 65 33.45 -18.71 14.43
CA GLY E 65 33.17 -19.37 15.71
C GLY E 65 33.82 -18.75 16.91
N ARG E 66 34.88 -17.98 16.71
CA ARG E 66 35.60 -17.38 17.86
C ARG E 66 35.44 -15.87 17.88
N PHE E 67 34.78 -15.32 16.87
CA PHE E 67 34.55 -13.86 16.77
C PHE E 67 33.06 -13.62 16.78
N THR E 68 32.63 -12.61 17.53
CA THR E 68 31.19 -12.26 17.56
C THR E 68 31.02 -10.80 17.19
N ILE E 69 30.12 -10.54 16.24
CA ILE E 69 29.84 -9.16 15.79
C ILE E 69 28.43 -8.79 16.24
N SER E 70 28.30 -7.61 16.84
CA SER E 70 26.98 -7.16 17.29
C SER E 70 26.90 -5.64 17.17
N ARG E 71 25.69 -5.14 16.97
CA ARG E 71 25.49 -3.69 16.81
C ARG E 71 24.42 -3.20 17.76
N ASP E 72 24.60 -1.97 18.25
CA ASP E 72 23.58 -1.34 19.11
C ASP E 72 23.14 -0.07 18.39
N ASP E 73 22.06 -0.16 17.64
CA ASP E 73 21.62 0.99 16.81
C ASP E 73 21.22 2.21 17.65
N PRO E 74 20.47 2.08 18.76
CA PRO E 74 20.14 3.28 19.53
C PRO E 74 21.36 4.11 19.97
N LYS E 75 22.46 3.46 20.32
CA LYS E 75 23.67 4.20 20.74
C LYS E 75 24.62 4.46 19.58
N ASN E 76 24.29 4.01 18.37
CA ASN E 76 25.14 4.27 17.18
C ASN E 76 26.55 3.74 17.40
N THR E 77 26.66 2.52 17.90
CA THR E 77 27.98 1.89 18.05
C THR E 77 27.96 0.46 17.50
N LEU E 78 29.11 0.03 17.01
CA LEU E 78 29.25 -1.34 16.48
C LEU E 78 30.27 -2.09 17.32
N PHE E 79 29.95 -3.33 17.67
CA PHE E 79 30.81 -4.11 18.57
C PHE E 79 31.37 -5.33 17.86
N LEU E 80 32.66 -5.56 18.05
CA LEU E 80 33.28 -6.81 17.54
C LEU E 80 33.90 -7.52 18.73
N GLN E 81 33.43 -8.73 19.00
CA GLN E 81 33.90 -9.49 20.18
C GLN E 81 34.95 -10.47 19.73
N MET E 82 36.14 -10.38 20.29
CA MET E 82 37.25 -11.24 19.87
C MET E 82 37.60 -12.18 21.03
N THR E 83 37.61 -13.48 20.75
CA THR E 83 37.93 -14.50 21.78
C THR E 83 39.06 -15.40 21.31
N SER E 84 39.88 -15.84 22.24
CA SER E 84 40.99 -16.76 21.91
C SER E 84 41.93 -16.17 20.87
N LEU E 85 42.50 -15.03 21.20
CA LEU E 85 43.41 -14.36 20.25
C LEU E 85 44.61 -15.23 19.94
N ARG E 86 45.06 -15.18 18.69
CA ARG E 86 46.24 -15.94 18.25
C ARG E 86 47.17 -15.00 17.50
N SER E 87 48.38 -15.46 17.22
CA SER E 87 49.40 -14.60 16.58
C SER E 87 48.91 -14.12 15.22
N GLU E 88 48.17 -14.95 14.51
CA GLU E 88 47.73 -14.60 13.14
C GLU E 88 46.80 -13.39 13.15
N ASP E 89 46.19 -13.07 14.29
CA ASP E 89 45.17 -12.01 14.34
C ASP E 89 45.78 -10.63 14.58
N THR E 90 47.10 -10.50 14.61
CA THR E 90 47.67 -9.15 14.74
C THR E 90 47.45 -8.38 13.44
N ALA E 91 46.73 -7.28 13.54
CA ALA E 91 46.41 -6.48 12.34
C ALA E 91 45.80 -5.15 12.76
N MET E 92 45.60 -4.29 11.78
CA MET E 92 44.89 -3.01 12.03
C MET E 92 43.48 -3.21 11.50
N TYR E 93 42.51 -3.26 12.41
CA TYR E 93 41.13 -3.56 12.01
C TYR E 93 40.41 -2.29 11.57
N TYR E 94 39.89 -2.31 10.35
CA TYR E 94 39.16 -1.16 9.80
C TYR E 94 37.67 -1.45 9.87
N CYS E 95 36.88 -0.40 10.01
CA CYS E 95 35.41 -0.54 10.02
C CYS E 95 34.85 0.14 8.78
N VAL E 96 34.00 -0.55 8.06
CA VAL E 96 33.48 -0.02 6.78
C VAL E 96 31.96 -0.07 6.80
N ARG E 97 31.35 0.91 6.14
CA ARG E 97 29.88 0.98 6.09
C ARG E 97 29.42 0.70 4.67
N SER E 98 28.38 -0.10 4.54
CA SER E 98 27.83 -0.42 3.21
C SER E 98 26.31 -0.40 3.24
N ILE E 99 25.70 0.23 2.24
CA ILE E 99 24.22 0.20 2.09
C ILE E 99 23.91 -0.45 0.77
N TYR E 100 22.94 -1.35 0.76
CA TYR E 100 22.64 -2.12 -0.47
C TYR E 100 21.25 -1.81 -0.98
N TYR E 101 21.19 -1.22 -2.16
CA TYR E 101 19.92 -0.95 -2.85
C TYR E 101 20.31 -0.69 -4.30
N TYR E 102 19.32 -0.61 -5.19
CA TYR E 102 19.68 -0.46 -6.60
C TYR E 102 20.42 0.85 -6.78
N GLY E 103 21.61 0.78 -7.37
CA GLY E 103 22.41 1.99 -7.62
C GLY E 103 23.25 2.45 -6.46
N SER E 104 23.31 1.68 -5.40
CA SER E 104 24.08 2.06 -4.20
C SER E 104 25.58 1.92 -4.43
N SER E 105 26.37 2.53 -3.55
CA SER E 105 27.84 2.39 -3.58
C SER E 105 28.30 1.74 -2.28
N PRO E 106 28.46 0.40 -2.25
CA PRO E 106 28.96 -0.24 -1.06
C PRO E 106 30.42 0.11 -0.76
N PHE E 107 30.78 0.04 0.51
CA PHE E 107 32.16 0.31 0.97
C PHE E 107 32.61 1.74 0.66
N ASP E 108 31.69 2.69 0.69
CA ASP E 108 32.05 4.08 0.34
C ASP E 108 32.94 4.72 1.39
N PHE E 109 32.68 4.46 2.66
CA PHE E 109 33.41 5.14 3.73
C PHE E 109 34.14 4.14 4.61
N TRP E 110 35.39 4.46 4.94
CA TRP E 110 36.23 3.57 5.77
C TRP E 110 36.70 4.33 7.00
N GLY E 111 36.63 3.68 8.14
CA GLY E 111 37.08 4.32 9.38
C GLY E 111 38.58 4.39 9.48
N GLN E 112 39.08 5.16 10.44
CA GLN E 112 40.53 5.31 10.61
C GLN E 112 41.18 3.99 10.98
N GLY E 113 40.54 3.24 11.86
CA GLY E 113 41.05 1.92 12.24
C GLY E 113 41.94 1.94 13.46
N THR E 114 41.96 0.82 14.17
CA THR E 114 42.80 0.70 15.38
C THR E 114 43.74 -0.48 15.26
N THR E 115 44.89 -0.38 15.93
CA THR E 115 45.91 -1.44 15.86
C THR E 115 45.75 -2.39 17.02
N LEU E 116 45.70 -3.69 16.73
CA LEU E 116 45.66 -4.71 17.78
C LEU E 116 46.89 -5.59 17.63
N THR E 117 47.64 -5.73 18.72
CA THR E 117 48.89 -6.50 18.67
C THR E 117 48.79 -7.68 19.63
N VAL E 118 49.09 -8.86 19.13
CA VAL E 118 49.12 -10.07 19.98
C VAL E 118 50.59 -10.50 20.08
N SER E 119 51.06 -10.64 21.31
CA SER E 119 52.49 -10.94 21.54
C SER E 119 52.82 -12.37 21.15
N SER E 120 54.11 -12.65 21.04
CA SER E 120 54.56 -14.00 20.63
C SER E 120 54.50 -14.97 21.82
N SER E 136 36.48 -23.36 -3.59
CA SER E 136 35.64 -22.79 -2.51
C SER E 136 35.60 -21.26 -2.65
N ASP E 137 36.48 -20.59 -1.93
CA ASP E 137 36.53 -19.11 -2.00
C ASP E 137 37.06 -18.66 -3.35
N ILE E 138 36.66 -17.47 -3.75
CA ILE E 138 37.10 -16.94 -5.07
C ILE E 138 38.43 -16.23 -4.89
N VAL E 139 39.48 -16.80 -5.48
CA VAL E 139 40.82 -16.20 -5.36
C VAL E 139 40.92 -15.01 -6.30
N MET E 140 41.51 -13.93 -5.80
CA MET E 140 41.68 -12.72 -6.64
C MET E 140 43.18 -12.46 -6.71
N THR E 141 43.72 -12.46 -7.92
CA THR E 141 45.19 -12.35 -8.08
C THR E 141 45.61 -11.09 -8.82
N GLN E 142 46.54 -10.35 -8.23
CA GLN E 142 47.09 -9.15 -8.90
C GLN E 142 48.48 -9.54 -9.40
N ALA E 143 48.70 -9.42 -10.70
CA ALA E 143 49.95 -9.93 -11.28
C ALA E 143 51.18 -9.22 -10.74
N THR E 144 51.10 -7.90 -10.56
CA THR E 144 52.33 -7.15 -10.22
C THR E 144 52.32 -6.67 -8.78
N SER E 145 53.43 -6.86 -8.08
CA SER E 145 53.54 -6.28 -6.72
C SER E 145 53.70 -4.77 -6.79
N SER E 146 54.57 -4.30 -7.68
CA SER E 146 54.86 -2.86 -7.77
C SER E 146 55.06 -2.48 -9.24
N VAL E 147 54.81 -1.21 -9.56
CA VAL E 147 55.04 -0.72 -10.93
C VAL E 147 55.78 0.60 -10.88
N PRO E 148 56.83 0.81 -11.71
CA PRO E 148 57.46 2.13 -11.75
C PRO E 148 56.52 3.14 -12.42
N VAL E 149 56.28 4.24 -11.72
CA VAL E 149 55.37 5.28 -12.27
C VAL E 149 55.95 6.66 -12.02
N THR E 150 55.68 7.58 -12.94
CA THR E 150 56.18 8.97 -12.83
C THR E 150 54.99 9.90 -13.04
N PRO E 151 55.00 11.10 -12.44
CA PRO E 151 53.86 11.97 -12.58
C PRO E 151 53.62 12.40 -14.02
N GLY E 152 52.35 12.57 -14.36
CA GLY E 152 51.98 13.04 -15.70
C GLY E 152 51.80 11.94 -16.73
N GLU E 153 51.80 10.67 -16.31
CA GLU E 153 51.70 9.57 -17.28
C GLU E 153 50.55 8.63 -16.94
N SER E 154 49.90 8.10 -17.96
CA SER E 154 48.83 7.10 -17.75
C SER E 154 49.42 5.76 -17.32
N VAL E 155 48.73 5.09 -16.41
CA VAL E 155 49.13 3.72 -16.00
C VAL E 155 47.89 2.85 -15.87
N SER E 156 48.09 1.55 -15.95
CA SER E 156 46.98 0.59 -15.80
C SER E 156 47.37 -0.49 -14.80
N ILE E 157 46.41 -0.92 -14.00
CA ILE E 157 46.63 -2.01 -13.01
C ILE E 157 45.73 -3.17 -13.40
N SER E 158 46.29 -4.37 -13.44
CA SER E 158 45.53 -5.55 -13.89
C SER E 158 44.99 -6.33 -12.70
N CYS E 159 43.94 -7.10 -12.95
CA CYS E 159 43.37 -7.94 -11.89
C CYS E 159 42.73 -9.17 -12.56
N ARG E 160 42.91 -10.33 -11.96
CA ARG E 160 42.31 -11.56 -12.51
C ARG E 160 41.51 -12.28 -11.44
N SER E 161 40.47 -12.99 -11.87
CA SER E 161 39.60 -13.74 -10.94
C SER E 161 39.52 -15.20 -11.39
N SER E 162 39.41 -16.10 -10.42
CA SER E 162 39.26 -17.53 -10.73
C SER E 162 37.95 -17.78 -11.47
N LYS E 163 36.87 -17.18 -11.00
CA LYS E 163 35.55 -17.47 -11.59
C LYS E 163 34.99 -16.20 -12.21
N SER E 164 34.19 -16.37 -13.25
CA SER E 164 33.59 -15.20 -13.92
C SER E 164 32.71 -14.44 -12.93
N LEU E 165 32.85 -13.12 -12.89
CA LEU E 165 32.10 -12.32 -11.89
C LEU E 165 30.82 -11.74 -12.48
N LEU E 166 30.50 -12.04 -13.74
CA LEU E 166 29.30 -11.45 -14.36
C LEU E 166 28.12 -12.31 -13.93
N HIS E 167 27.33 -11.79 -13.02
CA HIS E 167 26.13 -12.50 -12.55
C HIS E 167 25.02 -12.40 -13.59
N SER E 168 23.95 -13.16 -13.39
CA SER E 168 22.84 -13.17 -14.36
C SER E 168 22.21 -11.79 -14.48
N ASN E 169 22.27 -10.99 -13.42
CA ASN E 169 21.66 -9.64 -13.43
C ASN E 169 22.29 -8.77 -14.49
N GLY E 170 23.58 -8.96 -14.77
CA GLY E 170 24.30 -8.10 -15.72
C GLY E 170 25.28 -7.19 -15.03
N ASN E 171 25.39 -7.29 -13.71
CA ASN E 171 26.32 -6.45 -12.93
C ASN E 171 27.55 -7.27 -12.58
N THR E 172 28.73 -6.74 -12.90
CA THR E 172 29.97 -7.41 -12.50
C THR E 172 30.38 -6.89 -11.13
N TYR E 173 30.39 -7.77 -10.14
CA TYR E 173 30.65 -7.36 -8.75
C TYR E 173 32.14 -7.26 -8.48
N LEU E 174 32.77 -6.24 -9.04
CA LEU E 174 34.18 -5.96 -8.74
C LEU E 174 34.29 -4.55 -8.17
N TYR E 175 35.07 -4.41 -7.12
CA TYR E 175 35.31 -3.09 -6.51
C TYR E 175 36.80 -2.78 -6.55
N TRP E 176 37.12 -1.50 -6.70
CA TRP E 176 38.53 -1.05 -6.67
C TRP E 176 38.74 -0.14 -5.47
N PHE E 177 39.92 -0.18 -4.91
CA PHE E 177 40.23 0.63 -3.72
C PHE E 177 41.60 1.27 -3.82
N LEU E 178 41.80 2.34 -3.07
CA LEU E 178 43.11 3.01 -3.01
C LEU E 178 43.43 3.24 -1.54
N GLN E 179 44.66 2.92 -1.14
CA GLN E 179 45.08 3.20 0.24
C GLN E 179 46.32 4.08 0.19
N ARG E 180 46.15 5.35 0.51
CA ARG E 180 47.31 6.26 0.52
C ARG E 180 48.15 5.95 1.75
N PRO E 181 49.48 6.19 1.71
CA PRO E 181 50.30 5.83 2.85
C PRO E 181 49.85 6.60 4.09
N GLY E 182 49.63 5.87 5.18
CA GLY E 182 49.21 6.52 6.43
C GLY E 182 47.77 6.95 6.44
N GLN E 183 46.92 6.29 5.66
CA GLN E 183 45.48 6.62 5.70
C GLN E 183 44.65 5.36 5.51
N SER E 184 43.34 5.50 5.70
CA SER E 184 42.42 4.38 5.48
C SER E 184 42.19 4.16 4.00
N PRO E 185 41.81 2.95 3.57
CA PRO E 185 41.48 2.73 2.18
C PRO E 185 40.28 3.57 1.73
N GLN E 186 40.27 3.95 0.47
CA GLN E 186 39.19 4.78 -0.08
C GLN E 186 38.63 4.13 -1.34
N LEU E 187 37.32 4.24 -1.53
CA LEU E 187 36.66 3.59 -2.67
C LEU E 187 36.83 4.43 -3.92
N LEU E 188 37.13 3.79 -5.04
CA LEU E 188 37.32 4.52 -6.30
C LEU E 188 36.28 4.11 -7.34
N ILE E 189 36.25 2.83 -7.70
CA ILE E 189 35.29 2.34 -8.72
C ILE E 189 34.49 1.20 -8.13
N TYR E 190 33.17 1.30 -8.24
CA TYR E 190 32.28 0.25 -7.73
C TYR E 190 31.51 -0.40 -8.87
N ARG E 191 31.43 -1.72 -8.87
CA ARG E 191 30.75 -2.51 -9.93
C ARG E 191 31.50 -2.44 -11.25
N MET E 192 32.79 -2.14 -11.21
CA MET E 192 33.69 -2.22 -12.38
C MET E 192 33.60 -1.03 -13.32
N SER E 193 32.54 -0.23 -13.24
CA SER E 193 32.42 0.85 -14.24
C SER E 193 31.90 2.16 -13.66
N ASN E 194 31.54 2.20 -12.37
CA ASN E 194 30.92 3.40 -11.80
C ASN E 194 31.91 4.12 -10.89
N LEU E 195 32.11 5.41 -11.11
CA LEU E 195 33.03 6.17 -10.25
C LEU E 195 32.35 6.54 -8.94
N ALA E 196 33.10 6.46 -7.86
CA ALA E 196 32.55 6.78 -6.53
C ALA E 196 32.42 8.29 -6.38
N SER E 197 31.67 8.71 -5.38
CA SER E 197 31.48 10.15 -5.15
C SER E 197 32.79 10.76 -4.68
N GLY E 198 33.15 11.90 -5.25
CA GLY E 198 34.33 12.63 -4.76
C GLY E 198 35.63 12.17 -5.37
N VAL E 199 35.58 11.17 -6.23
CA VAL E 199 36.82 10.67 -6.89
C VAL E 199 36.97 11.42 -8.22
N PRO E 200 38.15 11.99 -8.51
CA PRO E 200 38.32 12.73 -9.73
C PRO E 200 38.08 11.86 -10.95
N GLU E 201 37.60 12.47 -12.03
CA GLU E 201 37.20 11.71 -13.23
C GLU E 201 38.38 11.00 -13.89
N ARG E 202 39.61 11.36 -13.55
CA ARG E 202 40.76 10.76 -14.26
C ARG E 202 40.81 9.26 -14.06
N PHE E 203 40.34 8.77 -12.91
CA PHE E 203 40.27 7.31 -12.72
C PHE E 203 39.19 6.73 -13.61
N SER E 204 39.50 5.62 -14.26
CA SER E 204 38.52 4.93 -15.12
C SER E 204 38.72 3.43 -15.02
N GLY E 205 37.64 2.68 -15.11
CA GLY E 205 37.74 1.22 -14.94
C GLY E 205 36.97 0.48 -15.99
N SER E 206 37.54 -0.63 -16.45
CA SER E 206 36.86 -1.47 -17.46
C SER E 206 37.26 -2.91 -17.25
N GLY E 207 36.35 -3.82 -17.56
CA GLY E 207 36.68 -5.25 -17.45
C GLY E 207 35.76 -6.10 -18.28
N SER E 208 36.27 -7.24 -18.74
CA SER E 208 35.44 -8.21 -19.49
C SER E 208 35.68 -9.58 -18.89
N GLY E 209 34.60 -10.28 -18.55
CA GLY E 209 34.75 -11.63 -17.99
C GLY E 209 35.57 -11.59 -16.72
N THR E 210 36.67 -12.33 -16.69
CA THR E 210 37.51 -12.39 -15.48
C THR E 210 38.62 -11.34 -15.48
N ALA E 211 39.10 -10.95 -16.66
CA ALA E 211 40.25 -10.02 -16.73
C ALA E 211 39.76 -8.59 -16.52
N PHE E 212 40.42 -7.85 -15.64
CA PHE E 212 39.97 -6.49 -15.29
C PHE E 212 41.14 -5.52 -15.35
N THR E 213 40.83 -4.24 -15.52
CA THR E 213 41.88 -3.22 -15.59
C THR E 213 41.38 -1.89 -15.04
N LEU E 214 42.24 -1.18 -14.33
CA LEU E 214 41.91 0.18 -13.83
C LEU E 214 42.93 1.13 -14.47
N THR E 215 42.44 2.22 -15.03
CA THR E 215 43.32 3.17 -15.74
C THR E 215 43.28 4.56 -15.13
N ILE E 216 44.46 5.09 -14.83
CA ILE E 216 44.56 6.49 -14.37
C ILE E 216 45.05 7.29 -15.56
N SER E 217 44.24 8.21 -16.07
CA SER E 217 44.64 8.93 -17.30
C SER E 217 45.86 9.82 -17.03
N ARG E 218 45.81 10.60 -15.95
CA ARG E 218 46.95 11.50 -15.61
C ARG E 218 47.19 11.38 -14.11
N LEU E 219 48.40 10.98 -13.75
CA LEU E 219 48.68 10.70 -12.33
C LEU E 219 49.31 11.91 -11.65
N GLU E 220 49.02 12.06 -10.38
CA GLU E 220 49.54 13.19 -9.58
C GLU E 220 50.15 12.67 -8.29
N ALA E 221 50.60 13.59 -7.45
CA ALA E 221 51.29 13.20 -6.21
C ALA E 221 50.38 12.38 -5.30
N GLU E 222 49.10 12.75 -5.21
CA GLU E 222 48.20 12.09 -4.25
C GLU E 222 47.90 10.65 -4.67
N ASP E 223 48.00 10.34 -5.95
CA ASP E 223 47.58 9.02 -6.45
C ASP E 223 48.46 7.88 -5.95
N VAL E 224 49.62 8.18 -5.39
CA VAL E 224 50.54 7.09 -5.00
C VAL E 224 49.95 6.31 -3.85
N GLY E 225 50.13 5.00 -3.90
CA GLY E 225 49.60 4.13 -2.84
C GLY E 225 49.51 2.70 -3.30
N VAL E 226 48.79 1.90 -2.53
CA VAL E 226 48.59 0.48 -2.88
C VAL E 226 47.14 0.30 -3.31
N TYR E 227 46.95 -0.32 -4.46
CA TYR E 227 45.59 -0.52 -5.02
C TYR E 227 45.12 -1.93 -4.72
N TYR E 228 43.83 -2.07 -4.48
CA TYR E 228 43.28 -3.39 -4.10
C TYR E 228 42.10 -3.76 -4.99
N CYS E 229 41.79 -5.04 -5.01
CA CYS E 229 40.65 -5.56 -5.78
C CYS E 229 39.67 -6.20 -4.79
N MET E 230 38.40 -6.16 -5.13
CA MET E 230 37.39 -6.84 -4.29
C MET E 230 36.38 -7.55 -5.17
N GLN E 231 35.88 -8.67 -4.69
CA GLN E 231 34.79 -9.37 -5.38
C GLN E 231 33.63 -9.42 -4.40
N HIS E 232 32.42 -9.10 -4.85
CA HIS E 232 31.26 -9.18 -3.95
C HIS E 232 30.25 -10.21 -4.43
N LEU E 233 30.62 -11.08 -5.36
CA LEU E 233 29.64 -12.04 -5.90
C LEU E 233 29.19 -13.03 -4.84
N GLU E 234 30.12 -13.49 -4.01
CA GLU E 234 29.79 -14.51 -3.01
C GLU E 234 30.59 -14.27 -1.75
N TYR E 235 30.08 -14.77 -0.64
CA TYR E 235 30.78 -14.65 0.65
C TYR E 235 31.60 -15.91 0.92
N PRO E 236 32.82 -15.85 1.47
CA PRO E 236 33.52 -14.67 1.96
C PRO E 236 34.10 -13.74 0.90
N LEU E 237 34.15 -12.44 1.20
CA LEU E 237 34.76 -11.48 0.27
C LEU E 237 36.27 -11.62 0.32
N THR E 238 36.90 -11.59 -0.84
CA THR E 238 38.35 -11.78 -0.93
C THR E 238 39.00 -10.59 -1.61
N PHE E 239 40.19 -10.24 -1.14
CA PHE E 239 40.91 -9.07 -1.67
C PHE E 239 42.12 -9.51 -2.49
N GLY E 240 42.63 -8.59 -3.28
CA GLY E 240 43.84 -8.87 -4.05
C GLY E 240 45.09 -8.69 -3.21
N ALA E 241 46.23 -9.12 -3.74
CA ALA E 241 47.48 -9.02 -2.98
C ALA E 241 47.83 -7.57 -2.71
N GLY E 242 47.61 -6.70 -3.70
CA GLY E 242 47.94 -5.28 -3.56
C GLY E 242 49.00 -4.83 -4.52
N THR E 243 48.67 -3.83 -5.34
CA THR E 243 49.65 -3.28 -6.30
C THR E 243 50.10 -1.91 -5.81
N LYS E 244 51.39 -1.74 -5.65
CA LYS E 244 51.92 -0.47 -5.10
C LYS E 244 52.45 0.40 -6.22
N LEU E 245 52.04 1.66 -6.23
CA LEU E 245 52.58 2.63 -7.20
C LEU E 245 53.52 3.57 -6.45
N GLU E 246 54.76 3.67 -6.94
CA GLU E 246 55.74 4.54 -6.27
C GLU E 246 56.34 5.50 -7.29
N LEU E 247 56.66 6.70 -6.83
CA LEU E 247 57.20 7.74 -7.73
C LEU E 247 58.74 7.74 -7.67
N FME F 1 -13.87 -34.98 19.43
CN FME F 1 -13.34 -35.12 20.63
O1 FME F 1 -12.14 -35.28 20.87
CA FME F 1 -15.27 -34.74 19.26
CB FME F 1 -15.55 -33.53 18.39
CG FME F 1 -14.84 -32.27 18.84
SD FME F 1 -15.94 -30.87 19.10
CE FME F 1 -16.56 -31.23 20.74
C FME F 1 -15.98 -35.98 18.70
O FME F 1 -17.02 -36.32 19.25
N LEU F 2 -15.44 -36.62 17.68
CA LEU F 2 -16.18 -37.74 17.10
C LEU F 2 -16.34 -38.75 18.23
N PHE F 3 -17.52 -39.34 18.39
CA PHE F 3 -17.66 -40.40 19.42
C PHE F 3 -17.16 -41.64 18.69
N ILE F 4 -16.07 -42.23 19.16
CA ILE F 4 -15.50 -43.36 18.37
C ILE F 4 -15.62 -44.63 19.19
N ILE F 5 -15.85 -44.52 20.50
CA ILE F 5 -15.91 -45.71 21.41
C ILE F 5 -16.32 -46.92 20.58
C1 PLM G . -16.18 -7.12 27.97
O1 PLM G . -16.51 -6.41 26.99
O2 PLM G . -15.79 -6.69 29.07
C2 PLM G . -16.30 -8.63 27.80
C3 PLM G . -16.57 -9.42 29.06
C4 PLM G . -16.32 -10.93 28.90
C5 PLM G . -17.36 -11.65 28.08
C6 PLM G . -17.26 -13.16 28.11
C7 PLM G . -16.98 -13.73 29.47
C8 PLM G . -16.74 -15.24 29.49
C9 PLM G . -16.75 -15.86 30.87
CA PLM G . -16.55 -17.36 30.87
CB PLM G . -17.60 -18.15 31.61
CC PLM G . -17.22 -19.59 31.93
CD PLM G . -18.30 -20.40 32.61
CE PLM G . -17.99 -21.88 32.75
CF PLM G . -19.17 -22.77 33.11
CG PLM G . -18.89 -24.25 33.05
#